data_8XMS
#
_entry.id   8XMS
#
_cell.length_a   67.920
_cell.length_b   103.930
_cell.length_c   76.850
_cell.angle_alpha   90.00
_cell.angle_beta   109.90
_cell.angle_gamma   90.00
#
_symmetry.space_group_name_H-M   'P 1 21 1'
#
loop_
_entity.id
_entity.type
_entity.pdbx_description
1 polymer 'Replication-associated protein'
2 water water
#
_entity_poly.entity_id   1
_entity_poly.type   'polypeptide(L)'
_entity_poly.pdbx_seq_one_letter_code
;MRDWKTNVHVIVGPPGCGKSKWAANFADPETTYWKPPRNKWWDGYHGEEVVVIDDFYGWLPWDDLLRLCDRYPLTVETKG
GTVPFLARSILITSNQTPLEWYSSTAVPAVEALYRRITSLVFWKNATEQSTEEGGQFVTLSPPCPEFPYEINYGSLEHHH
HHH
;
_entity_poly.pdbx_strand_id   A,B,C,D,E,F
#
# COMPACT_ATOMS: atom_id res chain seq x y z
N MET A 1 -6.72 10.46 -3.16
CA MET A 1 -5.94 9.18 -3.16
C MET A 1 -5.20 9.03 -1.83
N ARG A 2 -3.98 9.60 -1.66
CA ARG A 2 -3.46 9.90 -0.34
C ARG A 2 -4.15 11.11 0.26
N ASP A 3 -4.72 10.96 1.47
CA ASP A 3 -5.10 12.08 2.30
C ASP A 3 -4.72 11.72 3.75
N TRP A 4 -3.42 11.85 4.03
CA TRP A 4 -2.83 11.54 5.32
C TRP A 4 -1.37 11.96 5.29
N LYS A 5 -0.80 12.33 6.45
CA LYS A 5 0.61 12.62 6.54
C LYS A 5 1.39 11.32 6.34
N THR A 6 2.32 11.31 5.37
CA THR A 6 3.15 10.12 5.18
C THR A 6 4.22 10.17 6.26
N ASN A 7 4.32 9.09 7.07
CA ASN A 7 5.33 9.04 8.09
C ASN A 7 6.67 8.73 7.42
N VAL A 8 7.74 9.30 7.97
CA VAL A 8 9.06 9.22 7.37
C VAL A 8 10.03 8.85 8.48
N HIS A 9 10.62 7.67 8.33
CA HIS A 9 11.48 7.09 9.33
C HIS A 9 12.86 6.96 8.69
N VAL A 10 13.86 7.60 9.28
CA VAL A 10 15.22 7.55 8.79
C VAL A 10 16.09 6.67 9.71
N ILE A 11 16.75 5.70 9.08
CA ILE A 11 17.56 4.67 9.72
C ILE A 11 18.98 4.89 9.23
N VAL A 12 19.87 5.26 10.17
CA VAL A 12 21.21 5.67 9.83
C VAL A 12 22.18 4.72 10.50
N GLY A 13 23.18 4.33 9.73
CA GLY A 13 24.24 3.49 10.24
C GLY A 13 25.19 3.06 9.11
N PRO A 14 26.33 2.43 9.55
CA PRO A 14 27.28 2.01 8.53
C PRO A 14 26.92 0.78 7.75
N PRO A 15 27.50 0.66 6.58
CA PRO A 15 27.27 -0.53 5.79
C PRO A 15 27.38 -1.82 6.57
N GLY A 16 26.38 -2.67 6.48
CA GLY A 16 26.40 -3.94 7.16
C GLY A 16 25.82 -4.00 8.52
N CYS A 17 25.17 -2.93 8.96
CA CYS A 17 24.66 -2.85 10.31
C CYS A 17 23.25 -3.41 10.50
N GLY A 18 22.59 -3.70 9.40
CA GLY A 18 21.25 -4.24 9.47
C GLY A 18 20.18 -3.25 9.07
N LYS A 19 20.55 -2.26 8.27
CA LYS A 19 19.58 -1.23 7.91
C LYS A 19 18.48 -1.86 7.05
N SER A 20 18.88 -2.63 6.03
CA SER A 20 17.92 -3.21 5.10
C SER A 20 17.01 -4.23 5.80
N LYS A 21 17.54 -4.91 6.82
CA LYS A 21 16.77 -5.87 7.61
C LYS A 21 15.76 -5.15 8.50
N TRP A 22 16.16 -4.02 9.11
CA TRP A 22 15.24 -3.18 9.87
C TRP A 22 14.05 -2.79 9.01
N ALA A 23 14.32 -2.33 7.79
CA ALA A 23 13.27 -1.93 6.84
C ALA A 23 12.35 -3.10 6.49
N ALA A 24 12.95 -4.26 6.17
CA ALA A 24 12.20 -5.46 5.78
C ALA A 24 11.31 -5.94 6.93
N ASN A 25 11.71 -5.73 8.19
CA ASN A 25 10.99 -6.21 9.38
C ASN A 25 9.94 -5.21 9.84
N PHE A 26 9.92 -4.00 9.25
CA PHE A 26 8.93 -3.00 9.60
C PHE A 26 7.48 -3.46 9.33
N ALA A 27 7.22 -4.06 8.17
CA ALA A 27 5.87 -4.49 7.79
C ALA A 27 5.96 -5.69 6.83
N ASP A 28 4.81 -6.23 6.42
CA ASP A 28 4.79 -7.38 5.53
C ASP A 28 5.42 -7.05 4.18
N PRO A 29 6.19 -7.97 3.53
CA PRO A 29 6.68 -7.73 2.17
C PRO A 29 5.58 -7.35 1.19
N GLU A 30 4.36 -7.86 1.41
CA GLU A 30 3.25 -7.64 0.49
C GLU A 30 2.82 -6.17 0.56
N THR A 31 3.12 -5.51 1.68
CA THR A 31 2.76 -4.13 1.91
C THR A 31 3.95 -3.19 1.73
N THR A 32 5.11 -3.71 1.29
CA THR A 32 6.32 -2.92 1.23
C THR A 32 6.88 -2.93 -0.19
N TYR A 33 7.14 -1.72 -0.74
CA TYR A 33 7.75 -1.57 -2.04
C TYR A 33 9.14 -0.97 -1.83
N TRP A 34 10.12 -1.48 -2.59
CA TRP A 34 11.48 -0.97 -2.50
C TRP A 34 11.75 -0.04 -3.68
N LYS A 35 11.95 1.25 -3.43
CA LYS A 35 12.20 2.20 -4.51
C LYS A 35 13.55 1.86 -5.17
N PRO A 36 13.65 1.72 -6.51
CA PRO A 36 14.95 1.52 -7.14
C PRO A 36 15.88 2.66 -6.77
N PRO A 37 17.11 2.39 -6.29
CA PRO A 37 18.03 3.49 -5.97
C PRO A 37 18.45 4.26 -7.23
N ARG A 38 18.84 5.50 -7.01
CA ARG A 38 19.45 6.33 -8.06
C ARG A 38 18.75 6.63 -9.31
N ASN A 39 17.45 6.67 -9.25
CA ASN A 39 16.67 7.15 -10.38
C ASN A 39 15.32 7.67 -9.88
N LYS A 40 14.59 8.32 -10.77
CA LYS A 40 13.35 8.98 -10.40
C LYS A 40 12.15 8.05 -10.62
N TRP A 41 12.40 6.78 -10.95
CA TRP A 41 11.33 5.89 -11.41
C TRP A 41 10.71 5.12 -10.25
N TRP A 42 9.37 4.97 -10.29
CA TRP A 42 8.58 4.20 -9.34
C TRP A 42 8.02 2.92 -9.97
N ASP A 43 8.75 2.41 -10.97
CA ASP A 43 8.36 1.20 -11.70
C ASP A 43 8.17 0.09 -10.67
N GLY A 44 7.10 -0.70 -10.85
CA GLY A 44 6.78 -1.79 -9.95
C GLY A 44 5.94 -1.37 -8.74
N TYR A 45 5.68 -0.07 -8.50
CA TYR A 45 4.89 0.36 -7.35
C TYR A 45 3.40 0.07 -7.63
N HIS A 46 2.72 -0.63 -6.70
CA HIS A 46 1.33 -0.98 -6.85
C HIS A 46 0.52 -0.53 -5.62
N GLY A 47 0.87 0.63 -5.04
CA GLY A 47 0.05 1.20 -3.97
C GLY A 47 0.35 0.65 -2.58
N GLU A 48 1.54 0.07 -2.38
CA GLU A 48 1.98 -0.45 -1.09
C GLU A 48 1.99 0.64 -0.03
N GLU A 49 1.63 0.27 1.20
CA GLU A 49 1.50 1.25 2.26
C GLU A 49 2.86 1.69 2.81
N VAL A 50 3.87 0.83 2.62
CA VAL A 50 5.22 1.07 3.12
C VAL A 50 6.14 1.14 1.91
N VAL A 51 6.90 2.23 1.83
CA VAL A 51 7.89 2.43 0.79
C VAL A 51 9.24 2.51 1.48
N VAL A 52 10.22 1.77 0.96
CA VAL A 52 11.58 1.84 1.48
C VAL A 52 12.48 2.44 0.42
N ILE A 53 13.19 3.52 0.77
CA ILE A 53 14.18 4.17 -0.07
C ILE A 53 15.54 3.86 0.55
N ASP A 54 16.14 2.80 0.00
CA ASP A 54 17.36 2.18 0.50
C ASP A 54 18.53 2.99 -0.03
N ASP A 55 19.57 3.19 0.78
CA ASP A 55 20.80 3.84 0.34
C ASP A 55 20.52 5.19 -0.29
N PHE A 56 19.82 6.05 0.46
CA PHE A 56 19.53 7.40 0.03
C PHE A 56 20.68 8.30 0.45
N TYR A 57 21.06 9.19 -0.46
CA TYR A 57 22.10 10.13 -0.21
C TYR A 57 21.71 11.48 -0.83
N GLY A 58 20.42 11.70 -1.13
CA GLY A 58 19.95 12.98 -1.65
C GLY A 58 19.82 13.01 -3.17
N TRP A 59 19.58 11.84 -3.78
CA TRP A 59 19.55 11.72 -5.23
C TRP A 59 18.15 11.91 -5.84
N LEU A 60 17.20 12.38 -5.02
CA LEU A 60 15.92 12.85 -5.53
C LEU A 60 15.98 14.37 -5.44
N PRO A 61 15.37 15.07 -6.41
CA PRO A 61 15.22 16.52 -6.30
C PRO A 61 14.57 16.83 -4.95
N TRP A 62 15.17 17.79 -4.23
CA TRP A 62 14.63 18.34 -3.01
C TRP A 62 13.11 18.40 -2.97
N ASP A 63 12.52 19.06 -3.99
CA ASP A 63 11.09 19.35 -4.01
C ASP A 63 10.29 18.08 -4.23
N ASP A 64 10.86 17.09 -4.93
CA ASP A 64 10.18 15.82 -5.08
C ASP A 64 10.15 15.10 -3.72
N LEU A 65 11.25 15.17 -2.96
CA LEU A 65 11.34 14.50 -1.66
C LEU A 65 10.33 15.13 -0.72
N LEU A 66 10.24 16.48 -0.74
CA LEU A 66 9.33 17.16 0.17
C LEU A 66 7.91 16.69 -0.13
N ARG A 67 7.54 16.59 -1.42
CA ARG A 67 6.22 16.13 -1.83
C ARG A 67 5.96 14.68 -1.38
N LEU A 68 6.93 13.78 -1.55
CA LEU A 68 6.73 12.40 -1.18
C LEU A 68 6.46 12.29 0.30
N CYS A 69 7.12 13.13 1.10
CA CYS A 69 7.06 13.08 2.54
C CYS A 69 5.96 13.98 3.09
N ASP A 70 4.91 14.28 2.31
CA ASP A 70 3.87 15.24 2.69
C ASP A 70 2.53 14.51 2.73
N ARG A 71 1.42 15.23 2.78
CA ARG A 71 0.13 14.61 3.03
C ARG A 71 -0.97 14.76 1.99
N TYR A 72 -0.61 15.21 0.82
CA TYR A 72 -1.59 15.55 -0.19
C TYR A 72 -1.59 14.46 -1.26
N PRO A 73 -2.71 14.27 -2.02
CA PRO A 73 -2.72 13.37 -3.17
C PRO A 73 -1.55 13.68 -4.11
N LEU A 74 -0.89 12.63 -4.60
CA LEU A 74 0.34 12.77 -5.34
C LEU A 74 0.45 11.58 -6.27
N THR A 75 0.76 11.86 -7.54
CA THR A 75 1.17 10.85 -8.48
C THR A 75 2.70 10.94 -8.65
N VAL A 76 3.36 9.79 -8.87
CA VAL A 76 4.80 9.72 -9.04
C VAL A 76 5.01 9.00 -10.37
N GLU A 77 6.20 9.16 -10.95
CA GLU A 77 6.37 8.77 -12.34
C GLU A 77 7.02 7.39 -12.47
N THR A 78 6.51 6.59 -13.41
CA THR A 78 7.15 5.37 -13.88
C THR A 78 7.45 5.54 -15.37
N LYS A 79 8.23 4.59 -15.93
CA LYS A 79 8.61 4.62 -17.34
C LYS A 79 7.39 4.42 -18.23
N GLY A 80 6.27 3.94 -17.67
CA GLY A 80 5.08 3.71 -18.47
C GLY A 80 3.92 4.62 -18.07
N GLY A 81 4.22 5.72 -17.39
CA GLY A 81 3.22 6.67 -16.94
C GLY A 81 3.17 6.80 -15.42
N THR A 82 2.37 7.76 -14.96
CA THR A 82 2.26 8.08 -13.54
C THR A 82 1.48 6.98 -12.81
N VAL A 83 1.73 6.87 -11.51
CA VAL A 83 0.92 5.98 -10.68
C VAL A 83 0.56 6.73 -9.40
N PRO A 84 -0.60 6.48 -8.75
CA PRO A 84 -0.91 7.13 -7.48
C PRO A 84 0.08 6.80 -6.36
N PHE A 85 0.53 7.78 -5.59
CA PHE A 85 1.42 7.48 -4.47
C PHE A 85 0.59 7.29 -3.21
N LEU A 86 0.67 6.09 -2.60
CA LEU A 86 -0.25 5.79 -1.50
C LEU A 86 0.49 5.35 -0.23
N ALA A 87 1.76 5.70 -0.08
CA ALA A 87 2.51 5.30 1.10
C ALA A 87 1.90 5.94 2.34
N ARG A 88 1.92 5.19 3.42
CA ARG A 88 1.55 5.71 4.71
C ARG A 88 2.89 5.78 5.48
N SER A 89 3.89 5.01 5.07
CA SER A 89 5.17 4.99 5.75
C SER A 89 6.26 5.02 4.68
N ILE A 90 7.24 5.90 4.83
CA ILE A 90 8.45 5.86 4.02
C ILE A 90 9.64 5.65 4.94
N LEU A 91 10.41 4.59 4.66
CA LEU A 91 11.62 4.27 5.40
C LEU A 91 12.82 4.66 4.56
N ILE A 92 13.68 5.56 5.09
CA ILE A 92 14.87 5.98 4.37
C ILE A 92 16.11 5.45 5.09
N THR A 93 16.83 4.53 4.43
CA THR A 93 18.08 4.01 4.98
C THR A 93 19.24 4.80 4.38
N SER A 94 20.25 5.08 5.21
CA SER A 94 21.42 5.84 4.76
C SER A 94 22.63 5.64 5.66
N ASN A 95 23.81 5.84 5.06
CA ASN A 95 25.08 5.80 5.76
C ASN A 95 25.34 7.14 6.44
N GLN A 96 24.65 8.19 5.97
CA GLN A 96 24.83 9.55 6.48
C GLN A 96 23.53 10.00 7.17
N THR A 97 23.60 10.99 8.08
CA THR A 97 22.39 11.62 8.57
C THR A 97 21.85 12.54 7.48
N PRO A 98 20.57 13.00 7.54
CA PRO A 98 20.04 13.93 6.55
C PRO A 98 20.80 15.23 6.39
N LEU A 99 21.57 15.65 7.41
CA LEU A 99 22.50 16.78 7.29
C LEU A 99 23.29 16.69 5.98
N GLU A 100 23.73 15.48 5.60
CA GLU A 100 24.72 15.31 4.55
C GLU A 100 24.05 15.13 3.18
N TRP A 101 22.73 14.86 3.14
CA TRP A 101 22.08 14.60 1.86
C TRP A 101 21.97 15.84 0.98
N TYR A 102 21.64 16.99 1.58
CA TYR A 102 21.48 18.26 0.88
C TYR A 102 22.17 19.33 1.70
N SER A 103 23.07 20.08 1.03
CA SER A 103 23.64 21.27 1.62
C SER A 103 22.60 22.38 1.72
N SER A 104 22.72 23.24 2.74
CA SER A 104 21.88 24.41 2.96
C SER A 104 22.01 25.46 1.85
N THR A 105 23.10 25.41 1.10
CA THR A 105 23.32 26.29 -0.03
C THR A 105 22.47 25.83 -1.23
N ALA A 106 22.15 24.54 -1.32
CA ALA A 106 21.48 24.01 -2.49
C ALA A 106 19.94 24.04 -2.38
N VAL A 107 19.37 24.70 -1.36
CA VAL A 107 18.00 24.47 -0.91
C VAL A 107 17.45 25.72 -0.25
N PRO A 108 16.12 26.02 -0.30
CA PRO A 108 15.60 27.19 0.41
C PRO A 108 15.74 27.12 1.94
N ALA A 109 15.20 26.08 2.55
CA ALA A 109 15.23 25.91 4.00
C ALA A 109 15.29 24.42 4.33
N VAL A 110 16.39 24.00 4.96
CA VAL A 110 16.68 22.59 5.20
C VAL A 110 15.65 22.02 6.19
N GLU A 111 15.13 22.86 7.10
CA GLU A 111 14.10 22.50 8.05
C GLU A 111 12.82 22.02 7.36
N ALA A 112 12.57 22.38 6.09
CA ALA A 112 11.44 21.83 5.34
C ALA A 112 11.47 20.30 5.31
N LEU A 113 12.63 19.68 5.00
CA LEU A 113 12.76 18.23 5.09
C LEU A 113 12.69 17.80 6.55
N TYR A 114 13.42 18.44 7.44
CA TYR A 114 13.58 17.90 8.80
C TYR A 114 12.21 17.85 9.49
N ARG A 115 11.36 18.84 9.25
CA ARG A 115 10.04 18.88 9.86
C ARG A 115 9.15 17.77 9.35
N ARG A 116 9.49 17.18 8.23
CA ARG A 116 8.62 16.18 7.66
C ARG A 116 9.11 14.80 8.12
N ILE A 117 10.34 14.72 8.65
CA ILE A 117 10.82 13.46 9.22
C ILE A 117 10.03 13.18 10.51
N THR A 118 9.63 11.92 10.67
CA THR A 118 8.81 11.50 11.80
C THR A 118 9.67 10.86 12.88
N SER A 119 10.66 10.01 12.54
CA SER A 119 11.55 9.42 13.53
C SER A 119 12.92 9.19 12.95
N LEU A 120 13.87 9.12 13.89
CA LEU A 120 15.27 8.89 13.60
C LEU A 120 15.79 7.75 14.46
N VAL A 121 16.32 6.72 13.78
CA VAL A 121 16.91 5.54 14.37
C VAL A 121 18.38 5.47 13.91
N PHE A 122 19.27 5.19 14.85
CA PHE A 122 20.70 5.35 14.69
C PHE A 122 21.43 4.12 15.23
N TRP A 123 22.38 3.63 14.42
CA TRP A 123 23.22 2.53 14.82
C TRP A 123 24.25 3.05 15.81
N LYS A 124 24.30 2.45 17.00
CA LYS A 124 25.17 3.01 18.06
C LYS A 124 26.65 2.65 17.85
N ASN A 125 27.09 1.52 18.38
CA ASN A 125 28.54 1.17 18.29
C ASN A 125 28.71 -0.33 18.48
N GLU A 128 23.71 -1.80 18.53
CA GLU A 128 22.29 -1.76 18.08
C GLU A 128 21.69 -0.47 17.55
N GLN A 129 20.51 -0.58 16.94
CA GLN A 129 19.69 0.52 16.51
C GLN A 129 19.03 1.11 17.75
N SER A 130 19.30 2.41 18.01
CA SER A 130 18.60 3.12 19.07
C SER A 130 17.77 4.25 18.49
N THR A 131 16.57 4.49 19.05
CA THR A 131 15.75 5.61 18.63
C THR A 131 16.32 6.88 19.25
N GLU A 132 16.51 7.92 18.43
CA GLU A 132 17.05 9.17 18.92
C GLU A 132 15.91 10.16 19.08
N GLU A 133 16.12 11.23 19.83
CA GLU A 133 15.07 12.26 20.02
C GLU A 133 15.51 13.56 19.36
N GLY A 134 15.18 13.74 18.08
CA GLY A 134 15.47 14.99 17.34
C GLY A 134 15.73 16.19 18.23
N GLY A 135 16.88 16.80 18.06
CA GLY A 135 17.33 17.82 18.99
C GLY A 135 18.41 17.09 19.77
N GLN A 136 19.40 16.55 19.06
CA GLN A 136 20.46 15.73 19.70
C GLN A 136 21.83 15.92 19.05
N PHE A 137 22.85 15.34 19.67
CA PHE A 137 24.24 15.44 19.17
C PHE A 137 24.38 15.00 17.72
N VAL A 138 23.68 13.96 17.28
CA VAL A 138 23.94 13.47 15.94
C VAL A 138 22.96 14.07 14.90
N THR A 139 21.83 14.65 15.33
CA THR A 139 20.97 15.42 14.44
C THR A 139 20.49 16.63 15.24
N LEU A 140 21.20 17.72 15.06
CA LEU A 140 20.98 18.98 15.75
C LEU A 140 19.55 19.51 15.66
N SER A 141 18.82 19.17 14.59
CA SER A 141 17.68 19.97 14.17
C SER A 141 16.44 19.33 14.74
N PRO A 142 15.32 20.06 14.95
CA PRO A 142 14.07 19.41 15.37
C PRO A 142 13.37 18.71 14.20
N PRO A 143 12.65 17.60 14.43
CA PRO A 143 11.79 17.01 13.41
C PRO A 143 10.31 16.99 13.77
N CYS A 144 9.50 16.47 12.83
CA CYS A 144 8.09 16.17 12.98
C CYS A 144 7.26 17.38 13.47
N MET B 1 -21.05 2.26 1.39
CA MET B 1 -21.53 3.09 2.45
C MET B 1 -20.31 3.57 3.08
N ARG B 2 -20.42 4.68 3.77
CA ARG B 2 -19.24 5.26 4.35
C ARG B 2 -18.91 4.49 5.59
N ASP B 3 -17.74 3.95 5.61
CA ASP B 3 -17.25 3.16 6.72
C ASP B 3 -15.78 3.56 6.94
N TRP B 4 -15.58 4.86 7.17
CA TRP B 4 -14.25 5.46 7.29
C TRP B 4 -14.45 6.85 7.87
N LYS B 5 -13.49 7.30 8.69
CA LYS B 5 -13.48 8.68 9.15
C LYS B 5 -13.26 9.57 7.92
N THR B 6 -14.21 10.47 7.63
CA THR B 6 -13.99 11.44 6.56
C THR B 6 -13.02 12.51 7.06
N ASN B 7 -11.94 12.76 6.31
CA ASN B 7 -10.97 13.75 6.76
C ASN B 7 -11.55 15.10 6.43
N VAL B 8 -11.39 16.04 7.36
CA VAL B 8 -11.92 17.38 7.16
C VAL B 8 -10.78 18.39 7.25
N HIS B 9 -10.57 19.09 6.14
CA HIS B 9 -9.53 20.10 6.07
C HIS B 9 -10.20 21.46 5.95
N VAL B 10 -9.96 22.36 6.89
CA VAL B 10 -10.58 23.66 6.87
C VAL B 10 -9.51 24.67 6.47
N ILE B 11 -9.78 25.38 5.37
CA ILE B 11 -8.87 26.33 4.71
C ILE B 11 -9.39 27.74 4.96
N VAL B 12 -8.72 28.54 5.80
CA VAL B 12 -9.20 29.80 6.30
C VAL B 12 -8.28 30.92 5.78
N GLY B 13 -8.90 32.04 5.35
CA GLY B 13 -8.17 33.24 4.96
C GLY B 13 -9.10 34.23 4.26
N PRO B 14 -8.57 35.48 4.05
CA PRO B 14 -9.46 36.47 3.47
C PRO B 14 -9.78 36.28 2.01
N PRO B 15 -10.94 36.78 1.61
CA PRO B 15 -11.27 36.74 0.20
C PRO B 15 -10.09 37.11 -0.71
N GLY B 16 -9.81 36.27 -1.69
CA GLY B 16 -8.72 36.53 -2.58
C GLY B 16 -7.39 35.92 -2.30
N CYS B 17 -7.25 35.21 -1.19
CA CYS B 17 -5.91 34.71 -0.88
C CYS B 17 -5.62 33.38 -1.58
N GLY B 18 -6.66 32.76 -2.18
CA GLY B 18 -6.52 31.58 -3.04
C GLY B 18 -7.01 30.29 -2.39
N LYS B 19 -8.10 30.41 -1.63
CA LYS B 19 -8.65 29.25 -0.94
C LYS B 19 -9.21 28.29 -2.00
N SER B 20 -9.90 28.84 -2.99
CA SER B 20 -10.63 28.00 -3.92
C SER B 20 -9.64 27.33 -4.89
N LYS B 21 -8.47 27.93 -5.08
CA LYS B 21 -7.41 27.36 -5.90
C LYS B 21 -6.74 26.22 -5.13
N TRP B 22 -6.56 26.39 -3.83
CA TRP B 22 -6.01 25.30 -3.03
C TRP B 22 -6.95 24.09 -3.11
N ALA B 23 -8.26 24.34 -2.96
CA ALA B 23 -9.26 23.30 -3.03
C ALA B 23 -9.19 22.62 -4.39
N ALA B 24 -9.12 23.44 -5.47
CA ALA B 24 -9.12 22.91 -6.83
C ALA B 24 -7.92 22.01 -7.08
N ASN B 25 -6.76 22.33 -6.50
CA ASN B 25 -5.51 21.62 -6.74
C ASN B 25 -5.29 20.47 -5.75
N PHE B 26 -6.25 20.20 -4.88
CA PHE B 26 -6.12 19.10 -3.94
C PHE B 26 -6.15 17.75 -4.66
N ALA B 27 -7.19 17.50 -5.44
CA ALA B 27 -7.25 16.25 -6.17
C ALA B 27 -7.75 16.53 -7.59
N ASP B 28 -7.89 15.48 -8.40
CA ASP B 28 -8.41 15.62 -9.76
C ASP B 28 -9.84 16.19 -9.73
N PRO B 29 -10.21 17.09 -10.66
CA PRO B 29 -11.59 17.57 -10.77
C PRO B 29 -12.64 16.46 -10.90
N GLU B 30 -12.26 15.34 -11.51
CA GLU B 30 -13.19 14.22 -11.67
C GLU B 30 -13.48 13.55 -10.33
N THR B 31 -12.62 13.76 -9.32
CA THR B 31 -12.83 13.14 -8.01
C THR B 31 -13.33 14.15 -7.00
N THR B 32 -13.64 15.37 -7.47
CA THR B 32 -13.99 16.46 -6.58
C THR B 32 -15.37 17.02 -6.97
N TYR B 33 -16.30 17.08 -5.98
CA TYR B 33 -17.59 17.76 -6.12
C TYR B 33 -17.60 19.05 -5.29
N TRP B 34 -18.21 20.11 -5.81
CA TRP B 34 -18.35 21.40 -5.14
C TRP B 34 -19.78 21.53 -4.65
N LYS B 35 -19.98 21.54 -3.33
CA LYS B 35 -21.29 21.71 -2.76
C LYS B 35 -21.88 23.06 -3.19
N PRO B 36 -23.11 23.16 -3.77
CA PRO B 36 -23.72 24.46 -3.99
C PRO B 36 -23.80 25.20 -2.65
N PRO B 37 -23.26 26.41 -2.52
CA PRO B 37 -23.27 27.11 -1.24
C PRO B 37 -24.68 27.50 -0.78
N ARG B 38 -24.85 27.66 0.53
CA ARG B 38 -25.98 28.34 1.13
C ARG B 38 -27.28 27.57 0.85
N ASN B 39 -27.20 26.23 0.76
CA ASN B 39 -28.41 25.42 0.72
C ASN B 39 -28.08 23.99 1.19
N LYS B 40 -29.12 23.18 1.36
CA LYS B 40 -28.95 21.84 1.87
C LYS B 40 -28.88 20.81 0.81
N TRP B 41 -28.85 21.24 -0.42
CA TRP B 41 -28.99 20.30 -1.53
C TRP B 41 -27.63 19.81 -2.03
N TRP B 42 -27.60 18.50 -2.32
CA TRP B 42 -26.41 17.85 -2.81
C TRP B 42 -26.64 17.38 -4.26
N ASP B 43 -27.54 18.08 -4.97
CA ASP B 43 -27.79 17.79 -6.37
C ASP B 43 -26.46 17.75 -7.12
N GLY B 44 -26.29 16.70 -7.93
CA GLY B 44 -25.10 16.51 -8.75
C GLY B 44 -23.96 15.79 -8.02
N TYR B 45 -24.13 15.46 -6.73
CA TYR B 45 -23.15 14.64 -6.05
C TYR B 45 -23.28 13.21 -6.58
N HIS B 46 -22.17 12.63 -7.07
CA HIS B 46 -22.20 11.29 -7.67
C HIS B 46 -21.11 10.42 -7.06
N GLY B 47 -20.97 10.51 -5.74
CA GLY B 47 -20.06 9.62 -5.03
C GLY B 47 -18.59 10.01 -5.05
N GLU B 48 -18.28 11.29 -5.37
CA GLU B 48 -16.91 11.80 -5.40
C GLU B 48 -16.25 11.67 -4.02
N GLU B 49 -14.95 11.33 -4.04
CA GLU B 49 -14.17 11.09 -2.85
C GLU B 49 -13.82 12.41 -2.17
N VAL B 50 -13.72 13.50 -2.95
CA VAL B 50 -13.38 14.79 -2.40
C VAL B 50 -14.57 15.72 -2.60
N VAL B 51 -15.08 16.27 -1.49
CA VAL B 51 -16.14 17.27 -1.50
C VAL B 51 -15.56 18.60 -1.01
N VAL B 52 -15.91 19.70 -1.69
CA VAL B 52 -15.48 21.01 -1.25
C VAL B 52 -16.75 21.77 -0.91
N ILE B 53 -16.79 22.30 0.31
CA ILE B 53 -17.82 23.18 0.77
C ILE B 53 -17.23 24.59 0.81
N ASP B 54 -17.34 25.30 -0.32
CA ASP B 54 -16.75 26.60 -0.49
C ASP B 54 -17.63 27.64 0.19
N ASP B 55 -16.97 28.60 0.84
CA ASP B 55 -17.62 29.72 1.52
C ASP B 55 -18.61 29.23 2.58
N PHE B 56 -18.11 28.40 3.51
CA PHE B 56 -18.91 27.94 4.64
C PHE B 56 -18.78 28.93 5.80
N TYR B 57 -19.91 29.27 6.43
CA TYR B 57 -19.98 30.16 7.58
C TYR B 57 -20.99 29.65 8.59
N GLY B 58 -21.28 28.33 8.61
CA GLY B 58 -22.19 27.71 9.56
C GLY B 58 -23.63 27.63 9.06
N TRP B 59 -23.84 27.67 7.74
CA TRP B 59 -25.18 27.74 7.18
C TRP B 59 -25.83 26.35 6.99
N LEU B 60 -25.24 25.30 7.56
CA LEU B 60 -25.89 24.00 7.63
C LEU B 60 -26.27 23.74 9.09
N PRO B 61 -27.34 22.98 9.38
CA PRO B 61 -27.59 22.58 10.76
C PRO B 61 -26.37 21.91 11.37
N TRP B 62 -26.09 22.30 12.61
CA TRP B 62 -25.01 21.76 13.41
C TRP B 62 -24.94 20.24 13.27
N ASP B 63 -26.08 19.56 13.50
CA ASP B 63 -26.08 18.12 13.55
C ASP B 63 -25.74 17.52 12.20
N ASP B 64 -26.17 18.16 11.11
CA ASP B 64 -25.81 17.73 9.77
C ASP B 64 -24.31 17.85 9.52
N LEU B 65 -23.68 18.96 9.95
CA LEU B 65 -22.25 19.14 9.76
C LEU B 65 -21.47 18.07 10.52
N LEU B 66 -21.86 17.84 11.79
CA LEU B 66 -21.25 16.80 12.58
C LEU B 66 -21.30 15.47 11.80
N ARG B 67 -22.46 15.12 11.23
CA ARG B 67 -22.63 13.83 10.57
C ARG B 67 -21.84 13.77 9.25
N LEU B 68 -21.78 14.88 8.49
CA LEU B 68 -20.98 14.91 7.26
C LEU B 68 -19.53 14.62 7.58
N CYS B 69 -19.05 15.22 8.68
CA CYS B 69 -17.66 15.17 9.05
C CYS B 69 -17.32 13.95 9.92
N ASP B 70 -18.12 12.86 9.91
CA ASP B 70 -17.96 11.74 10.83
C ASP B 70 -17.59 10.47 10.05
N ARG B 71 -17.84 9.28 10.63
CA ARG B 71 -17.33 8.03 10.07
C ARG B 71 -18.39 6.98 9.74
N TYR B 72 -19.66 7.33 9.93
CA TYR B 72 -20.76 6.39 9.81
C TYR B 72 -21.44 6.50 8.45
N PRO B 73 -22.15 5.45 7.98
CA PRO B 73 -22.95 5.58 6.78
C PRO B 73 -23.90 6.77 6.89
N LEU B 74 -24.06 7.45 5.77
CA LEU B 74 -24.81 8.69 5.73
C LEU B 74 -25.37 8.85 4.34
N THR B 75 -26.62 9.30 4.28
CA THR B 75 -27.21 9.81 3.04
C THR B 75 -27.41 11.30 3.25
N VAL B 76 -27.33 12.07 2.16
CA VAL B 76 -27.58 13.51 2.16
C VAL B 76 -28.71 13.73 1.17
N GLU B 77 -29.32 14.91 1.24
CA GLU B 77 -30.56 15.20 0.55
C GLU B 77 -30.29 15.92 -0.76
N THR B 78 -31.05 15.53 -1.79
CA THR B 78 -31.12 16.26 -3.04
C THR B 78 -32.58 16.62 -3.31
N LYS B 79 -32.84 17.37 -4.38
CA LYS B 79 -34.19 17.71 -4.79
C LYS B 79 -34.95 16.47 -5.27
N GLY B 80 -34.23 15.38 -5.59
CA GLY B 80 -34.84 14.13 -6.05
C GLY B 80 -35.01 13.09 -4.95
N GLY B 81 -34.63 13.41 -3.71
CA GLY B 81 -34.44 12.44 -2.63
C GLY B 81 -32.96 12.25 -2.29
N THR B 82 -32.71 11.33 -1.36
CA THR B 82 -31.42 11.11 -0.74
C THR B 82 -30.48 10.44 -1.75
N VAL B 83 -29.17 10.65 -1.52
CA VAL B 83 -28.11 9.92 -2.23
C VAL B 83 -27.04 9.53 -1.19
N PRO B 84 -26.25 8.44 -1.38
CA PRO B 84 -25.21 8.09 -0.40
C PRO B 84 -24.09 9.13 -0.30
N PHE B 85 -23.65 9.47 0.92
CA PHE B 85 -22.48 10.34 1.06
C PHE B 85 -21.23 9.50 1.23
N LEU B 86 -20.20 9.72 0.38
CA LEU B 86 -19.06 8.81 0.26
C LEU B 86 -17.70 9.53 0.28
N ALA B 87 -17.67 10.77 0.79
CA ALA B 87 -16.44 11.56 0.75
C ALA B 87 -15.37 10.90 1.61
N ARG B 88 -14.13 10.97 1.18
CA ARG B 88 -13.02 10.55 2.00
C ARG B 88 -12.37 11.86 2.50
N SER B 89 -12.50 12.92 1.73
CA SER B 89 -11.96 14.23 2.08
C SER B 89 -13.06 15.28 1.93
N ILE B 90 -13.25 16.12 2.95
CA ILE B 90 -14.03 17.34 2.85
C ILE B 90 -13.09 18.52 2.99
N LEU B 91 -13.06 19.42 2.00
CA LEU B 91 -12.32 20.68 2.09
C LEU B 91 -13.32 21.80 2.32
N ILE B 92 -13.19 22.54 3.45
CA ILE B 92 -14.13 23.62 3.75
C ILE B 92 -13.38 24.95 3.66
N THR B 93 -13.78 25.82 2.72
CA THR B 93 -13.13 27.12 2.62
C THR B 93 -14.00 28.16 3.29
N SER B 94 -13.34 29.10 3.98
CA SER B 94 -14.00 30.08 4.82
C SER B 94 -13.09 31.29 5.07
N ASN B 95 -13.74 32.45 5.24
CA ASN B 95 -13.10 33.69 5.66
C ASN B 95 -12.96 33.69 7.18
N GLN B 96 -13.68 32.81 7.88
CA GLN B 96 -13.64 32.80 9.35
C GLN B 96 -13.14 31.44 9.84
N THR B 97 -12.46 31.46 11.00
CA THR B 97 -12.12 30.21 11.69
C THR B 97 -13.42 29.54 12.12
N PRO B 98 -13.45 28.22 12.34
CA PRO B 98 -14.64 27.55 12.88
C PRO B 98 -15.22 28.14 14.17
N LEU B 99 -14.45 28.96 14.89
CA LEU B 99 -14.90 29.55 16.13
C LEU B 99 -16.14 30.39 15.85
N GLU B 100 -16.16 31.03 14.69
CA GLU B 100 -17.25 31.99 14.36
C GLU B 100 -18.43 31.32 13.69
N TRP B 101 -18.29 30.08 13.24
CA TRP B 101 -19.35 29.42 12.50
C TRP B 101 -20.60 29.23 13.37
N TYR B 102 -20.44 28.68 14.55
CA TYR B 102 -21.57 28.45 15.45
C TYR B 102 -21.21 28.95 16.85
N SER B 103 -22.12 29.73 17.45
CA SER B 103 -21.88 30.28 18.77
C SER B 103 -22.02 29.18 19.82
N SER B 104 -21.22 29.25 20.90
CA SER B 104 -21.22 28.23 21.95
C SER B 104 -22.56 28.18 22.69
N THR B 105 -23.35 29.25 22.57
CA THR B 105 -24.69 29.30 23.13
C THR B 105 -25.65 28.39 22.35
N ALA B 106 -25.46 28.24 21.03
CA ALA B 106 -26.47 27.66 20.15
C ALA B 106 -26.30 26.16 19.95
N VAL B 107 -25.29 25.59 20.63
CA VAL B 107 -24.90 24.17 20.42
C VAL B 107 -24.51 23.50 21.74
N PRO B 108 -24.67 22.16 21.86
CA PRO B 108 -24.27 21.40 23.05
C PRO B 108 -22.79 21.50 23.46
N ALA B 109 -21.88 21.13 22.57
CA ALA B 109 -20.45 21.26 22.81
C ALA B 109 -19.74 21.52 21.49
N VAL B 110 -19.12 22.72 21.36
CA VAL B 110 -18.51 23.18 20.11
C VAL B 110 -17.34 22.26 19.75
N GLU B 111 -16.76 21.58 20.77
CA GLU B 111 -15.65 20.65 20.60
C GLU B 111 -16.03 19.43 19.74
N ALA B 112 -17.34 19.12 19.67
CA ALA B 112 -17.83 18.07 18.78
C ALA B 112 -17.42 18.33 17.32
N LEU B 113 -17.63 19.58 16.84
CA LEU B 113 -17.13 19.95 15.51
C LEU B 113 -15.60 19.87 15.50
N TYR B 114 -14.91 20.52 16.49
CA TYR B 114 -13.47 20.72 16.43
C TYR B 114 -12.74 19.37 16.36
N ARG B 115 -13.21 18.37 17.09
CA ARG B 115 -12.54 17.03 17.11
C ARG B 115 -12.70 16.30 15.76
N ARG B 116 -13.69 16.69 14.97
CA ARG B 116 -13.85 16.07 13.67
C ARG B 116 -13.01 16.77 12.62
N ILE B 117 -12.51 17.97 12.89
CA ILE B 117 -11.61 18.64 11.96
C ILE B 117 -10.23 17.96 11.96
N THR B 118 -9.76 17.55 10.77
CA THR B 118 -8.52 16.82 10.63
C THR B 118 -7.33 17.78 10.55
N SER B 119 -7.47 18.89 9.78
CA SER B 119 -6.39 19.85 9.69
C SER B 119 -6.96 21.24 9.51
N LEU B 120 -6.13 22.19 9.90
CA LEU B 120 -6.45 23.59 9.78
C LEU B 120 -5.34 24.28 9.00
N VAL B 121 -5.71 24.87 7.85
CA VAL B 121 -4.75 25.53 6.96
C VAL B 121 -5.19 26.99 6.89
N PHE B 122 -4.25 27.89 7.16
CA PHE B 122 -4.55 29.28 7.50
C PHE B 122 -3.67 30.19 6.63
N TRP B 123 -4.23 31.27 6.12
CA TRP B 123 -3.45 32.22 5.35
C TRP B 123 -2.80 33.11 6.33
N LYS B 124 -1.49 33.22 6.22
CA LYS B 124 -0.77 33.99 7.18
C LYS B 124 -0.84 35.48 7.01
N ASN B 125 0.11 36.06 6.30
CA ASN B 125 0.15 37.52 6.23
C ASN B 125 0.70 37.88 4.94
N ALA B 126 -0.18 38.05 3.96
CA ALA B 126 0.25 38.36 2.61
C ALA B 126 1.34 37.41 2.19
N THR B 127 1.23 36.16 2.61
CA THR B 127 2.28 35.23 2.31
C THR B 127 1.76 33.99 1.79
N GLU B 128 1.43 33.10 2.72
CA GLU B 128 0.98 31.82 2.32
C GLU B 128 0.14 31.03 3.26
N GLN B 129 -0.33 29.92 2.78
CA GLN B 129 -1.15 29.00 3.54
C GLN B 129 -0.22 28.17 4.41
N SER B 130 -0.41 28.26 5.73
CA SER B 130 0.36 27.50 6.68
C SER B 130 -0.56 26.52 7.39
N THR B 131 -0.14 25.26 7.49
CA THR B 131 -0.85 24.25 8.25
C THR B 131 -0.56 24.45 9.73
N GLU B 132 -1.63 24.60 10.50
CA GLU B 132 -1.53 25.00 11.89
C GLU B 132 -1.48 23.76 12.77
N GLU B 133 -0.94 23.91 13.96
CA GLU B 133 -0.90 22.80 14.92
C GLU B 133 -1.82 23.09 16.08
N GLY B 134 -3.08 22.62 15.99
CA GLY B 134 -4.12 22.78 17.02
C GLY B 134 -3.68 23.12 18.43
N GLY B 135 -4.27 24.18 18.97
CA GLY B 135 -3.82 24.75 20.24
C GLY B 135 -2.80 25.79 19.85
N GLN B 136 -3.24 26.91 19.30
CA GLN B 136 -2.32 27.93 18.79
C GLN B 136 -3.01 29.28 18.85
N PHE B 137 -2.25 30.35 18.63
CA PHE B 137 -2.80 31.71 18.76
C PHE B 137 -4.13 31.87 18.00
N VAL B 138 -4.23 31.34 16.78
CA VAL B 138 -5.44 31.62 15.96
C VAL B 138 -6.60 30.61 16.17
N THR B 139 -6.33 29.38 16.58
CA THR B 139 -7.43 28.45 16.93
C THR B 139 -7.05 27.83 18.27
N LEU B 140 -7.55 28.41 19.35
CA LEU B 140 -7.15 27.98 20.72
C LEU B 140 -7.69 26.61 21.15
N SER B 141 -8.23 25.78 20.26
CA SER B 141 -8.83 24.50 20.70
C SER B 141 -8.10 23.33 20.04
N PRO B 142 -8.05 22.14 20.66
CA PRO B 142 -7.47 20.96 20.01
C PRO B 142 -8.40 20.33 18.96
N PRO B 143 -7.86 19.83 17.83
CA PRO B 143 -8.64 19.10 16.84
C PRO B 143 -8.21 17.64 16.60
N CYS B 144 -8.92 16.93 15.73
CA CYS B 144 -8.59 15.52 15.37
C CYS B 144 -8.42 14.65 16.62
N MET C 1 -9.76 -7.85 -9.67
CA MET C 1 -9.73 -6.47 -10.26
C MET C 1 -10.89 -6.32 -11.27
N ARG C 2 -10.68 -6.64 -12.55
CA ARG C 2 -11.81 -6.90 -13.44
C ARG C 2 -12.44 -8.26 -13.11
N ASP C 3 -13.73 -8.24 -12.87
CA ASP C 3 -14.54 -9.45 -12.72
C ASP C 3 -15.87 -9.16 -13.37
N TRP C 4 -15.85 -9.09 -14.71
CA TRP C 4 -16.97 -8.72 -15.56
C TRP C 4 -16.56 -8.95 -17.01
N LYS C 5 -17.60 -9.01 -17.85
CA LYS C 5 -17.39 -9.11 -19.28
C LYS C 5 -17.02 -7.84 -19.88
N THR C 6 -15.86 -7.85 -20.51
CA THR C 6 -15.57 -6.64 -21.25
C THR C 6 -16.35 -6.68 -22.57
N ASN C 7 -17.14 -5.65 -22.81
CA ASN C 7 -17.85 -5.56 -24.08
C ASN C 7 -16.86 -5.11 -25.15
N VAL C 8 -17.05 -5.67 -26.36
CA VAL C 8 -16.20 -5.39 -27.50
C VAL C 8 -17.08 -4.93 -28.67
N HIS C 9 -16.91 -3.67 -29.05
CA HIS C 9 -17.66 -3.11 -30.17
C HIS C 9 -16.69 -2.85 -31.33
N VAL C 10 -16.99 -3.44 -32.48
CA VAL C 10 -16.18 -3.24 -33.66
C VAL C 10 -16.89 -2.28 -34.62
N ILE C 11 -16.19 -1.18 -34.97
CA ILE C 11 -16.69 -0.18 -35.90
C ILE C 11 -15.87 -0.22 -37.18
N VAL C 12 -16.53 -0.56 -38.30
CA VAL C 12 -15.84 -0.75 -39.56
C VAL C 12 -16.31 0.29 -40.57
N GLY C 13 -15.36 0.77 -41.39
CA GLY C 13 -15.70 1.70 -42.46
C GLY C 13 -14.43 2.22 -43.14
N PRO C 14 -14.57 2.86 -44.35
CA PRO C 14 -13.42 3.38 -45.08
C PRO C 14 -12.84 4.67 -44.49
N PRO C 15 -11.54 4.95 -44.70
CA PRO C 15 -10.89 6.13 -44.11
C PRO C 15 -11.68 7.43 -44.35
N GLY C 16 -11.94 8.17 -43.27
CA GLY C 16 -12.64 9.45 -43.38
C GLY C 16 -14.12 9.36 -43.04
N CYS C 17 -14.64 8.17 -42.76
CA CYS C 17 -16.08 8.10 -42.56
C CYS C 17 -16.49 8.48 -41.13
N GLY C 18 -15.50 8.69 -40.25
CA GLY C 18 -15.78 9.22 -38.93
C GLY C 18 -15.64 8.17 -37.82
N LYS C 19 -14.72 7.22 -37.99
CA LYS C 19 -14.65 6.09 -37.08
C LYS C 19 -14.21 6.57 -35.71
N SER C 20 -13.14 7.39 -35.69
CA SER C 20 -12.55 7.86 -34.46
C SER C 20 -13.47 8.86 -33.77
N LYS C 21 -14.29 9.59 -34.53
CA LYS C 21 -15.27 10.49 -33.96
C LYS C 21 -16.40 9.69 -33.28
N TRP C 22 -16.79 8.57 -33.88
CA TRP C 22 -17.74 7.66 -33.25
C TRP C 22 -17.19 7.17 -31.92
N ALA C 23 -15.93 6.72 -31.93
CA ALA C 23 -15.26 6.30 -30.71
C ALA C 23 -15.19 7.42 -29.68
N ALA C 24 -14.81 8.66 -30.06
CA ALA C 24 -14.75 9.79 -29.13
C ALA C 24 -16.12 10.13 -28.58
N ASN C 25 -17.19 9.86 -29.33
CA ASN C 25 -18.54 10.21 -28.88
C ASN C 25 -19.16 9.08 -28.06
N PHE C 26 -18.49 7.93 -27.94
CA PHE C 26 -19.01 6.79 -27.18
C PHE C 26 -19.19 7.16 -25.70
N ALA C 27 -18.18 7.75 -25.07
CA ALA C 27 -18.22 8.10 -23.67
C ALA C 27 -17.34 9.33 -23.43
N ASP C 28 -17.34 9.85 -22.20
CA ASP C 28 -16.53 11.01 -21.82
C ASP C 28 -15.03 10.75 -22.08
N PRO C 29 -14.26 11.74 -22.59
CA PRO C 29 -12.81 11.59 -22.71
C PRO C 29 -12.10 11.17 -21.42
N GLU C 30 -12.62 11.60 -20.27
CA GLU C 30 -12.02 11.31 -18.97
C GLU C 30 -12.14 9.82 -18.66
N THR C 31 -13.05 9.13 -19.34
CA THR C 31 -13.33 7.72 -19.07
C THR C 31 -12.80 6.86 -20.22
N THR C 32 -12.07 7.46 -21.16
CA THR C 32 -11.67 6.77 -22.38
C THR C 32 -10.16 6.92 -22.58
N TYR C 33 -9.49 5.77 -22.73
CA TYR C 33 -8.09 5.70 -23.12
C TYR C 33 -7.96 5.23 -24.57
N TRP C 34 -7.02 5.85 -25.31
CA TRP C 34 -6.73 5.48 -26.68
C TRP C 34 -5.44 4.65 -26.69
N LYS C 35 -5.54 3.38 -27.08
CA LYS C 35 -4.40 2.49 -27.09
C LYS C 35 -3.46 2.97 -28.18
N PRO C 36 -2.16 3.28 -27.87
CA PRO C 36 -1.22 3.70 -28.90
C PRO C 36 -1.19 2.65 -30.01
N PRO C 37 -1.37 3.09 -31.27
CA PRO C 37 -1.41 2.16 -32.39
C PRO C 37 -0.07 1.44 -32.57
N ARG C 38 -0.15 0.19 -33.02
CA ARG C 38 0.94 -0.56 -33.61
C ARG C 38 2.04 -0.87 -32.59
N ASN C 39 1.67 -1.19 -31.34
CA ASN C 39 2.62 -1.71 -30.35
C ASN C 39 1.87 -2.40 -29.20
N LYS C 40 2.62 -3.03 -28.28
CA LYS C 40 2.05 -3.83 -27.20
C LYS C 40 1.92 -3.04 -25.90
N TRP C 41 2.22 -1.73 -25.90
CA TRP C 41 2.35 -0.95 -24.68
C TRP C 41 1.04 -0.28 -24.31
N TRP C 42 0.80 -0.23 -23.00
CA TRP C 42 -0.37 0.42 -22.44
C TRP C 42 0.02 1.66 -21.62
N ASP C 43 1.15 2.27 -21.99
CA ASP C 43 1.62 3.45 -21.28
C ASP C 43 0.52 4.49 -21.26
N GLY C 44 0.28 5.11 -20.10
CA GLY C 44 -0.72 6.14 -19.95
C GLY C 44 -2.12 5.61 -19.63
N TYR C 45 -2.29 4.28 -19.59
CA TYR C 45 -3.55 3.70 -19.14
C TYR C 45 -3.67 3.89 -17.63
N HIS C 46 -4.79 4.48 -17.18
CA HIS C 46 -5.03 4.71 -15.75
C HIS C 46 -6.41 4.17 -15.33
N GLY C 47 -6.77 2.98 -15.81
CA GLY C 47 -7.95 2.28 -15.35
C GLY C 47 -9.22 2.78 -16.01
N GLU C 48 -9.10 3.38 -17.20
CA GLU C 48 -10.26 3.94 -17.89
C GLU C 48 -11.21 2.80 -18.26
N GLU C 49 -12.51 3.11 -18.24
CA GLU C 49 -13.54 2.10 -18.43
C GLU C 49 -13.69 1.80 -19.89
N VAL C 50 -13.36 2.79 -20.72
CA VAL C 50 -13.47 2.64 -22.16
C VAL C 50 -12.08 2.73 -22.79
N VAL C 51 -11.73 1.69 -23.54
CA VAL C 51 -10.48 1.63 -24.27
C VAL C 51 -10.83 1.64 -25.75
N VAL C 52 -10.13 2.46 -26.54
CA VAL C 52 -10.36 2.50 -27.98
C VAL C 52 -9.05 2.07 -28.65
N ILE C 53 -9.15 1.01 -29.47
CA ILE C 53 -8.05 0.52 -30.29
C ILE C 53 -8.33 0.99 -31.73
N ASP C 54 -7.84 2.18 -32.06
CA ASP C 54 -8.16 2.86 -33.32
C ASP C 54 -7.25 2.32 -34.42
N ASP C 55 -7.78 2.14 -35.64
CA ASP C 55 -6.99 1.68 -36.78
C ASP C 55 -6.34 0.33 -36.49
N PHE C 56 -7.15 -0.64 -36.10
CA PHE C 56 -6.65 -1.98 -35.80
C PHE C 56 -6.63 -2.82 -37.07
N TYR C 57 -5.53 -3.56 -37.29
CA TYR C 57 -5.41 -4.47 -38.42
C TYR C 57 -4.73 -5.76 -37.93
N GLY C 58 -4.89 -6.09 -36.63
CA GLY C 58 -4.39 -7.32 -36.06
C GLY C 58 -2.97 -7.23 -35.50
N TRP C 59 -2.56 -6.04 -35.07
CA TRP C 59 -1.19 -5.81 -34.63
C TRP C 59 -1.04 -5.99 -33.11
N LEU C 60 -1.98 -6.70 -32.48
CA LEU C 60 -1.75 -7.22 -31.14
C LEU C 60 -1.58 -8.73 -31.28
N PRO C 61 -0.75 -9.38 -30.43
CA PRO C 61 -0.74 -10.85 -30.41
C PRO C 61 -2.14 -11.37 -30.15
N TRP C 62 -2.55 -12.34 -30.97
CA TRP C 62 -3.84 -13.01 -30.88
C TRP C 62 -4.28 -13.25 -29.44
N ASP C 63 -3.41 -13.94 -28.69
CA ASP C 63 -3.78 -14.45 -27.38
C ASP C 63 -3.96 -13.29 -26.41
N ASP C 64 -3.22 -12.18 -26.62
CA ASP C 64 -3.37 -11.02 -25.75
C ASP C 64 -4.72 -10.34 -26.03
N LEU C 65 -5.08 -10.21 -27.31
CA LEU C 65 -6.37 -9.64 -27.70
C LEU C 65 -7.50 -10.49 -27.11
N LEU C 66 -7.39 -11.83 -27.19
CA LEU C 66 -8.39 -12.71 -26.58
C LEU C 66 -8.55 -12.43 -25.09
N ARG C 67 -7.44 -12.26 -24.36
CA ARG C 67 -7.54 -12.03 -22.92
C ARG C 67 -8.11 -10.64 -22.63
N LEU C 68 -7.77 -9.62 -23.43
CA LEU C 68 -8.33 -8.28 -23.27
C LEU C 68 -9.85 -8.31 -23.38
N CYS C 69 -10.35 -9.13 -24.33
CA CYS C 69 -11.75 -9.15 -24.68
C CYS C 69 -12.49 -10.18 -23.83
N ASP C 70 -11.96 -10.52 -22.64
CA ASP C 70 -12.56 -11.55 -21.82
C ASP C 70 -13.00 -10.93 -20.49
N ARG C 71 -13.20 -11.78 -19.47
CA ARG C 71 -13.95 -11.38 -18.28
C ARG C 71 -13.17 -11.53 -16.98
N TYR C 72 -11.91 -11.98 -17.06
CA TYR C 72 -11.13 -12.36 -15.89
C TYR C 72 -10.17 -11.24 -15.54
N PRO C 73 -9.66 -11.17 -14.28
CA PRO C 73 -8.61 -10.23 -13.94
C PRO C 73 -7.40 -10.36 -14.87
N LEU C 74 -6.82 -9.23 -15.26
CA LEU C 74 -5.75 -9.21 -16.23
C LEU C 74 -4.90 -7.97 -15.97
N THR C 75 -3.59 -8.12 -16.01
CA THR C 75 -2.72 -6.96 -16.11
C THR C 75 -2.25 -6.86 -17.57
N VAL C 76 -1.96 -5.63 -18.00
CA VAL C 76 -1.30 -5.36 -19.27
C VAL C 76 0.02 -4.65 -18.99
N GLU C 77 0.91 -4.71 -19.98
CA GLU C 77 2.27 -4.24 -19.82
C GLU C 77 2.40 -2.77 -20.24
N THR C 78 3.14 -2.01 -19.41
CA THR C 78 3.63 -0.69 -19.75
C THR C 78 5.14 -0.72 -19.61
N LYS C 79 5.83 0.36 -20.03
CA LYS C 79 7.28 0.37 -19.99
C LYS C 79 7.77 0.45 -18.54
N GLY C 80 6.87 0.83 -17.61
CA GLY C 80 7.20 0.95 -16.21
C GLY C 80 6.76 -0.22 -15.34
N GLY C 81 6.19 -1.26 -15.95
CA GLY C 81 5.60 -2.38 -15.23
C GLY C 81 4.13 -2.60 -15.60
N THR C 82 3.53 -3.60 -14.94
CA THR C 82 2.16 -4.03 -15.17
C THR C 82 1.20 -2.96 -14.67
N VAL C 83 0.00 -2.92 -15.25
CA VAL C 83 -1.06 -2.09 -14.70
C VAL C 83 -2.32 -2.92 -14.83
N PRO C 84 -3.29 -2.81 -13.86
CA PRO C 84 -4.55 -3.57 -13.91
C PRO C 84 -5.39 -3.21 -15.13
N PHE C 85 -5.90 -4.20 -15.87
CA PHE C 85 -6.76 -3.87 -17.00
C PHE C 85 -8.22 -3.84 -16.53
N LEU C 86 -8.88 -2.67 -16.66
CA LEU C 86 -10.18 -2.50 -16.01
C LEU C 86 -11.26 -2.02 -17.00
N ALA C 87 -11.03 -2.20 -18.31
CA ALA C 87 -12.01 -1.79 -19.31
C ALA C 87 -13.34 -2.51 -19.09
N ARG C 88 -14.42 -1.81 -19.36
CA ARG C 88 -15.73 -2.42 -19.39
C ARG C 88 -16.15 -2.37 -20.88
N SER C 89 -15.52 -1.50 -21.68
CA SER C 89 -15.86 -1.33 -23.10
C SER C 89 -14.57 -1.20 -23.89
N ILE C 90 -14.42 -1.96 -24.97
CA ILE C 90 -13.31 -1.83 -25.90
C ILE C 90 -13.91 -1.58 -27.27
N LEU C 91 -13.59 -0.40 -27.82
CA LEU C 91 -13.96 -0.04 -29.18
C LEU C 91 -12.80 -0.36 -30.09
N ILE C 92 -13.02 -1.21 -31.08
CA ILE C 92 -12.02 -1.46 -32.12
C ILE C 92 -12.51 -0.83 -33.44
N THR C 93 -11.80 0.20 -33.92
CA THR C 93 -12.10 0.79 -35.22
C THR C 93 -11.13 0.22 -36.26
N SER C 94 -11.62 0.05 -37.50
CA SER C 94 -10.85 -0.57 -38.55
C SER C 94 -11.38 -0.24 -39.94
N ASN C 95 -10.47 -0.23 -40.93
CA ASN C 95 -10.82 -0.18 -42.33
C ASN C 95 -11.23 -1.54 -42.88
N GLN C 96 -10.99 -2.62 -42.12
CA GLN C 96 -11.31 -3.98 -42.56
C GLN C 96 -12.22 -4.63 -41.53
N THR C 97 -13.04 -5.61 -41.95
CA THR C 97 -13.78 -6.41 -41.00
C THR C 97 -12.81 -7.29 -40.21
N PRO C 98 -13.23 -7.87 -39.05
CA PRO C 98 -12.36 -8.78 -38.31
C PRO C 98 -11.81 -9.96 -39.12
N LEU C 99 -12.51 -10.28 -40.22
CA LEU C 99 -12.13 -11.36 -41.11
C LEU C 99 -10.66 -11.20 -41.50
N GLU C 100 -10.22 -9.99 -41.79
CA GLU C 100 -8.85 -9.81 -42.36
C GLU C 100 -7.75 -9.59 -41.33
N TRP C 101 -8.10 -9.27 -40.10
CA TRP C 101 -7.09 -8.93 -39.10
C TRP C 101 -6.10 -10.07 -38.87
N TYR C 102 -6.66 -11.25 -38.74
CA TYR C 102 -5.87 -12.42 -38.50
C TYR C 102 -6.58 -13.46 -39.32
N SER C 103 -5.84 -14.23 -40.10
CA SER C 103 -6.42 -15.33 -40.87
C SER C 103 -6.46 -16.48 -39.92
N ALA C 106 -2.64 -18.99 -38.55
CA ALA C 106 -1.59 -18.87 -37.62
C ALA C 106 -2.36 -18.98 -36.36
N VAL C 107 -3.67 -19.13 -36.50
CA VAL C 107 -4.46 -19.07 -35.27
C VAL C 107 -5.15 -20.42 -35.09
N PRO C 108 -5.46 -20.90 -33.84
CA PRO C 108 -6.24 -22.12 -33.66
C PRO C 108 -7.67 -22.08 -34.23
N ALA C 109 -8.48 -21.14 -33.75
CA ALA C 109 -9.86 -20.97 -34.18
C ALA C 109 -10.23 -19.49 -34.11
N VAL C 110 -10.48 -18.87 -35.27
CA VAL C 110 -10.74 -17.45 -35.42
C VAL C 110 -12.03 -17.06 -34.68
N GLU C 111 -12.94 -18.01 -34.51
CA GLU C 111 -14.18 -17.80 -33.79
C GLU C 111 -13.92 -17.39 -32.33
N ALA C 112 -12.73 -17.65 -31.80
CA ALA C 112 -12.46 -17.29 -30.43
C ALA C 112 -12.56 -15.76 -30.27
N LEU C 113 -11.97 -15.02 -31.22
CA LEU C 113 -12.14 -13.58 -31.27
C LEU C 113 -13.61 -13.24 -31.52
N TYR C 114 -14.23 -13.84 -32.55
CA TYR C 114 -15.56 -13.44 -33.02
C TYR C 114 -16.59 -13.55 -31.90
N ARG C 115 -16.55 -14.60 -31.11
CA ARG C 115 -17.51 -14.77 -30.04
C ARG C 115 -17.30 -13.80 -28.87
N ARG C 116 -16.16 -13.16 -28.83
CA ARG C 116 -15.95 -12.17 -27.78
C ARG C 116 -16.47 -10.79 -28.20
N ILE C 117 -16.76 -10.62 -29.51
CA ILE C 117 -17.30 -9.38 -30.05
C ILE C 117 -18.76 -9.22 -29.59
N THR C 118 -19.11 -8.06 -29.07
CA THR C 118 -20.42 -7.76 -28.53
C THR C 118 -21.32 -7.07 -29.57
N SER C 119 -20.78 -6.11 -30.37
CA SER C 119 -21.58 -5.51 -31.44
C SER C 119 -20.72 -5.18 -32.65
N LEU C 120 -21.37 -5.13 -33.82
CA LEU C 120 -20.75 -4.76 -35.07
C LEU C 120 -21.49 -3.55 -35.66
N VAL C 121 -20.76 -2.44 -35.83
CA VAL C 121 -21.27 -1.25 -36.49
C VAL C 121 -20.46 -1.04 -37.77
N PHE C 122 -21.14 -0.70 -38.88
CA PHE C 122 -20.56 -0.69 -40.22
C PHE C 122 -20.97 0.59 -40.96
N TRP C 123 -20.03 1.19 -41.68
CA TRP C 123 -20.39 2.38 -42.50
C TRP C 123 -21.05 1.91 -43.78
N LYS C 124 -22.27 2.36 -44.03
CA LYS C 124 -23.03 1.94 -45.22
C LYS C 124 -22.45 2.60 -46.47
N ASN C 125 -23.08 3.66 -46.97
CA ASN C 125 -22.67 4.35 -48.22
C ASN C 125 -23.61 5.52 -48.47
N GLU C 128 -24.61 6.32 -43.39
CA GLU C 128 -24.11 6.41 -42.01
C GLU C 128 -23.66 5.09 -41.42
N GLN C 129 -23.32 5.11 -40.15
CA GLN C 129 -22.97 3.91 -39.41
C GLN C 129 -24.28 3.17 -39.13
N SER C 130 -24.31 1.89 -39.49
CA SER C 130 -25.48 1.06 -39.25
C SER C 130 -25.09 -0.12 -38.38
N THR C 131 -26.00 -0.56 -37.52
CA THR C 131 -25.77 -1.75 -36.71
C THR C 131 -25.97 -3.01 -37.55
N GLU C 132 -25.02 -3.96 -37.50
CA GLU C 132 -25.20 -5.20 -38.24
C GLU C 132 -25.52 -6.32 -37.25
N GLU C 133 -26.19 -7.37 -37.71
CA GLU C 133 -26.49 -8.53 -36.84
C GLU C 133 -25.61 -9.70 -37.28
N GLY C 134 -24.39 -9.81 -36.73
CA GLY C 134 -23.45 -10.91 -36.99
C GLY C 134 -24.11 -12.16 -37.52
N GLY C 135 -23.57 -12.71 -38.61
CA GLY C 135 -24.12 -13.81 -39.42
C GLY C 135 -24.78 -13.03 -40.57
N GLN C 136 -23.97 -12.24 -41.28
CA GLN C 136 -24.46 -11.35 -42.37
C GLN C 136 -23.45 -11.26 -43.51
N PHE C 137 -23.85 -10.65 -44.61
CA PHE C 137 -23.04 -10.55 -45.83
C PHE C 137 -21.62 -10.01 -45.56
N VAL C 138 -21.48 -8.97 -44.74
CA VAL C 138 -20.19 -8.34 -44.59
C VAL C 138 -19.32 -8.99 -43.50
N THR C 139 -19.93 -9.70 -42.54
CA THR C 139 -19.22 -10.48 -41.54
C THR C 139 -20.02 -11.77 -41.32
N LEU C 140 -19.53 -12.84 -41.95
CA LEU C 140 -20.19 -14.13 -42.09
C LEU C 140 -20.52 -14.77 -40.73
N SER C 141 -19.68 -14.53 -39.72
CA SER C 141 -19.56 -15.45 -38.59
C SER C 141 -20.45 -14.96 -37.43
N PRO C 142 -20.88 -15.81 -36.46
CA PRO C 142 -21.69 -15.34 -35.32
C PRO C 142 -20.84 -14.69 -34.25
N PRO C 143 -21.34 -13.64 -33.55
CA PRO C 143 -20.58 -13.03 -32.46
C PRO C 143 -21.32 -13.16 -31.14
N CYS C 144 -20.69 -12.68 -30.05
CA CYS C 144 -21.35 -12.45 -28.78
C CYS C 144 -21.94 -13.76 -28.24
N MET D 1 0.17 -0.38 8.97
CA MET D 1 -1.15 -0.37 9.65
C MET D 1 -1.15 0.74 10.71
N ARG D 2 -0.64 0.52 11.93
CA ARG D 2 -0.36 1.64 12.82
C ARG D 2 0.96 2.27 12.38
N ASP D 3 0.97 3.58 12.23
CA ASP D 3 2.20 4.34 12.15
C ASP D 3 1.85 5.72 12.69
N TRP D 4 1.90 5.77 14.04
CA TRP D 4 1.68 6.91 14.91
C TRP D 4 2.11 6.50 16.33
N LYS D 5 2.49 7.48 17.18
CA LYS D 5 2.84 7.19 18.57
C LYS D 5 1.58 6.80 19.32
N THR D 6 1.60 5.62 19.93
CA THR D 6 0.54 5.27 20.86
C THR D 6 0.82 5.95 22.20
N ASN D 7 -0.10 6.78 22.67
CA ASN D 7 0.02 7.31 24.03
C ASN D 7 -0.31 6.20 25.01
N VAL D 8 0.38 6.21 26.16
CA VAL D 8 0.22 5.23 27.21
C VAL D 8 -0.06 5.97 28.53
N HIS D 9 -1.26 5.73 29.09
CA HIS D 9 -1.65 6.36 30.34
C HIS D 9 -1.86 5.28 31.40
N VAL D 10 -1.07 5.33 32.47
CA VAL D 10 -1.08 4.30 33.49
C VAL D 10 -1.77 4.84 34.74
N ILE D 11 -2.79 4.12 35.23
CA ILE D 11 -3.59 4.50 36.38
C ILE D 11 -3.31 3.49 37.49
N VAL D 12 -2.80 3.95 38.63
CA VAL D 12 -2.42 3.07 39.72
C VAL D 12 -3.23 3.43 40.98
N GLY D 13 -3.64 2.41 41.73
CA GLY D 13 -4.45 2.59 42.93
C GLY D 13 -5.04 1.27 43.41
N PRO D 14 -5.59 1.20 44.65
CA PRO D 14 -6.10 -0.05 45.18
C PRO D 14 -7.44 -0.48 44.58
N PRO D 15 -7.78 -1.79 44.63
CA PRO D 15 -9.07 -2.28 44.12
C PRO D 15 -10.26 -1.48 44.65
N GLY D 16 -11.03 -0.88 43.75
CA GLY D 16 -12.24 -0.13 44.16
C GLY D 16 -12.08 1.37 44.17
N CYS D 17 -10.92 1.92 43.80
CA CYS D 17 -10.77 3.35 43.93
C CYS D 17 -11.33 4.10 42.73
N GLY D 18 -11.77 3.39 41.68
CA GLY D 18 -12.28 4.02 40.46
C GLY D 18 -11.32 3.91 39.25
N LYS D 19 -10.44 2.92 39.20
CA LYS D 19 -9.54 2.81 38.07
C LYS D 19 -10.31 2.52 36.79
N SER D 20 -11.24 1.57 36.84
CA SER D 20 -11.88 1.14 35.61
C SER D 20 -12.82 2.23 35.13
N LYS D 21 -13.37 3.00 36.08
CA LYS D 21 -14.28 4.08 35.78
C LYS D 21 -13.52 5.25 35.15
N TRP D 22 -12.30 5.53 35.64
CA TRP D 22 -11.37 6.47 35.01
C TRP D 22 -11.23 6.13 33.53
N ALA D 23 -10.93 4.84 33.28
CA ALA D 23 -10.60 4.34 31.96
C ALA D 23 -11.82 4.42 31.05
N ALA D 24 -12.98 4.09 31.61
CA ALA D 24 -14.22 4.13 30.84
C ALA D 24 -14.59 5.56 30.50
N ASN D 25 -14.21 6.53 31.33
CA ASN D 25 -14.57 7.93 31.09
C ASN D 25 -13.61 8.59 30.11
N PHE D 26 -12.50 7.90 29.74
CA PHE D 26 -11.50 8.47 28.86
C PHE D 26 -12.07 8.73 27.46
N ALA D 27 -12.77 7.75 26.89
CA ALA D 27 -13.34 7.93 25.56
C ALA D 27 -14.68 7.22 25.46
N ASP D 28 -15.37 7.41 24.34
CA ASP D 28 -16.59 6.69 24.01
C ASP D 28 -16.38 5.18 24.08
N PRO D 29 -17.33 4.42 24.67
CA PRO D 29 -17.23 2.95 24.64
C PRO D 29 -17.01 2.37 23.24
N GLU D 30 -17.57 3.03 22.21
CA GLU D 30 -17.51 2.50 20.86
C GLU D 30 -16.10 2.62 20.30
N THR D 31 -15.28 3.50 20.90
CA THR D 31 -13.90 3.68 20.50
C THR D 31 -12.94 2.97 21.46
N THR D 32 -13.46 2.19 22.43
CA THR D 32 -12.63 1.60 23.46
C THR D 32 -12.82 0.09 23.44
N TYR D 33 -11.69 -0.64 23.40
CA TYR D 33 -11.66 -2.08 23.59
C TYR D 33 -10.97 -2.41 24.90
N TRP D 34 -11.51 -3.40 25.63
CA TRP D 34 -10.97 -3.86 26.91
C TRP D 34 -10.29 -5.21 26.70
N LYS D 35 -8.97 -5.25 26.92
CA LYS D 35 -8.21 -6.47 26.70
C LYS D 35 -8.60 -7.48 27.77
N PRO D 36 -9.01 -8.72 27.43
CA PRO D 36 -9.24 -9.73 28.48
C PRO D 36 -7.95 -9.97 29.28
N PRO D 37 -8.00 -9.98 30.63
CA PRO D 37 -6.80 -10.11 31.44
C PRO D 37 -6.16 -11.50 31.38
N ARG D 38 -4.84 -11.53 31.62
CA ARG D 38 -4.05 -12.73 31.88
C ARG D 38 -4.07 -13.72 30.72
N ASN D 39 -4.15 -13.22 29.48
CA ASN D 39 -3.97 -14.07 28.31
C ASN D 39 -3.43 -13.20 27.17
N LYS D 40 -3.05 -13.88 26.10
CA LYS D 40 -2.36 -13.25 24.99
C LYS D 40 -3.36 -12.91 23.88
N TRP D 41 -4.66 -13.14 24.11
CA TRP D 41 -5.66 -13.04 23.05
C TRP D 41 -6.26 -11.63 22.96
N TRP D 42 -6.43 -11.19 21.71
CA TRP D 42 -7.08 -9.93 21.40
C TRP D 42 -8.42 -10.14 20.73
N ASP D 43 -9.06 -11.27 21.07
CA ASP D 43 -10.33 -11.66 20.47
C ASP D 43 -11.31 -10.50 20.60
N GLY D 44 -11.98 -10.13 19.51
CA GLY D 44 -13.04 -9.14 19.59
C GLY D 44 -12.52 -7.71 19.45
N TYR D 45 -11.22 -7.56 19.28
CA TYR D 45 -10.66 -6.27 18.90
C TYR D 45 -11.05 -5.97 17.45
N HIS D 46 -11.62 -4.77 17.21
CA HIS D 46 -12.08 -4.38 15.88
C HIS D 46 -11.46 -3.05 15.48
N GLY D 47 -10.19 -2.83 15.87
CA GLY D 47 -9.42 -1.67 15.44
C GLY D 47 -9.73 -0.40 16.24
N GLU D 48 -10.23 -0.53 17.48
CA GLU D 48 -10.58 0.62 18.31
C GLU D 48 -9.34 1.47 18.61
N GLU D 49 -9.55 2.79 18.77
CA GLU D 49 -8.45 3.73 18.97
C GLU D 49 -7.92 3.65 20.40
N VAL D 50 -8.81 3.30 21.33
CA VAL D 50 -8.46 3.28 22.74
C VAL D 50 -8.55 1.83 23.20
N VAL D 51 -7.45 1.33 23.75
CA VAL D 51 -7.39 0.00 24.32
C VAL D 51 -7.13 0.18 25.81
N VAL D 52 -7.87 -0.55 26.65
CA VAL D 52 -7.60 -0.59 28.08
C VAL D 52 -7.10 -1.99 28.47
N ILE D 53 -5.95 -2.04 29.16
CA ILE D 53 -5.40 -3.27 29.69
C ILE D 53 -5.56 -3.21 31.20
N ASP D 54 -6.70 -3.80 31.65
CA ASP D 54 -7.17 -3.65 33.01
C ASP D 54 -6.43 -4.67 33.88
N ASP D 55 -6.09 -4.30 35.11
CA ASP D 55 -5.46 -5.22 36.07
C ASP D 55 -4.18 -5.82 35.50
N PHE D 56 -3.29 -4.95 34.96
CA PHE D 56 -2.00 -5.36 34.49
C PHE D 56 -1.01 -5.48 35.66
N TYR D 57 -0.26 -6.58 35.70
CA TYR D 57 0.76 -6.79 36.70
C TYR D 57 1.96 -7.46 36.05
N GLY D 58 2.13 -7.30 34.74
CA GLY D 58 3.30 -7.80 34.03
C GLY D 58 3.10 -9.19 33.42
N TRP D 59 1.84 -9.55 33.10
CA TRP D 59 1.50 -10.87 32.55
C TRP D 59 1.54 -10.92 31.02
N LEU D 60 2.11 -9.91 30.39
CA LEU D 60 2.51 -10.02 29.00
C LEU D 60 4.03 -10.05 28.99
N PRO D 61 4.67 -10.81 28.08
CA PRO D 61 6.11 -10.69 27.88
C PRO D 61 6.54 -9.24 27.68
N TRP D 62 7.64 -8.89 28.34
CA TRP D 62 8.25 -7.57 28.30
C TRP D 62 8.22 -6.94 26.90
N ASP D 63 8.75 -7.69 25.93
CA ASP D 63 8.94 -7.20 24.58
C ASP D 63 7.58 -6.99 23.91
N ASP D 64 6.56 -7.79 24.26
CA ASP D 64 5.23 -7.59 23.71
C ASP D 64 4.65 -6.26 24.20
N LEU D 65 4.88 -5.93 25.49
CA LEU D 65 4.42 -4.67 26.05
C LEU D 65 5.16 -3.49 25.41
N LEU D 66 6.49 -3.57 25.27
CA LEU D 66 7.24 -2.53 24.55
C LEU D 66 6.63 -2.25 23.17
N ARG D 67 6.19 -3.30 22.46
CA ARG D 67 5.74 -3.15 21.09
C ARG D 67 4.34 -2.56 21.06
N LEU D 68 3.46 -3.02 21.99
CA LEU D 68 2.15 -2.41 22.11
C LEU D 68 2.28 -0.90 22.34
N CYS D 69 3.25 -0.47 23.16
CA CYS D 69 3.38 0.91 23.59
C CYS D 69 4.20 1.77 22.63
N ASP D 70 4.40 1.30 21.39
CA ASP D 70 5.33 1.92 20.46
C ASP D 70 4.55 2.52 19.29
N ARG D 71 5.27 2.86 18.22
CA ARG D 71 4.65 3.62 17.15
C ARG D 71 4.58 2.85 15.83
N TYR D 72 5.03 1.58 15.79
CA TYR D 72 5.25 0.87 14.53
C TYR D 72 4.10 -0.09 14.26
N PRO D 73 3.94 -0.56 12.99
CA PRO D 73 2.98 -1.62 12.68
C PRO D 73 3.18 -2.86 13.55
N LEU D 74 2.08 -3.45 13.95
CA LEU D 74 2.04 -4.55 14.89
C LEU D 74 0.78 -5.34 14.64
N THR D 75 0.92 -6.66 14.58
CA THR D 75 -0.23 -7.56 14.59
C THR D 75 -0.24 -8.22 15.96
N VAL D 76 -1.43 -8.45 16.48
CA VAL D 76 -1.62 -9.12 17.75
C VAL D 76 -2.44 -10.37 17.45
N GLU D 77 -2.41 -11.33 18.36
CA GLU D 77 -2.94 -12.65 18.07
C GLU D 77 -4.34 -12.78 18.65
N THR D 78 -5.24 -13.33 17.84
CA THR D 78 -6.62 -13.47 18.25
C THR D 78 -7.28 -14.79 17.98
N LYS D 79 -6.69 -15.94 18.30
CA LYS D 79 -7.39 -17.25 18.20
C LYS D 79 -7.90 -17.70 16.83
N GLY D 80 -8.54 -16.81 16.09
CA GLY D 80 -8.96 -17.11 14.76
C GLY D 80 -7.98 -16.41 13.86
N GLY D 81 -6.81 -16.11 14.38
CA GLY D 81 -5.80 -15.44 13.60
C GLY D 81 -5.31 -14.10 14.09
N THR D 82 -4.52 -13.43 13.27
CA THR D 82 -3.96 -12.16 13.65
C THR D 82 -4.84 -11.01 13.28
N VAL D 83 -4.73 -9.91 14.01
CA VAL D 83 -5.45 -8.72 13.66
C VAL D 83 -4.47 -7.53 13.78
N PRO D 84 -4.60 -6.43 13.00
CA PRO D 84 -3.75 -5.26 13.19
C PRO D 84 -3.96 -4.55 14.53
N PHE D 85 -2.89 -4.14 15.20
CA PHE D 85 -3.05 -3.36 16.41
C PHE D 85 -3.03 -1.87 16.04
N LEU D 86 -4.07 -1.11 16.42
CA LEU D 86 -4.30 0.24 15.88
C LEU D 86 -4.64 1.28 16.95
N ALA D 87 -4.29 0.99 18.19
CA ALA D 87 -4.55 1.92 19.28
C ALA D 87 -3.78 3.22 19.11
N ARG D 88 -4.37 4.30 19.55
CA ARG D 88 -3.71 5.58 19.56
C ARG D 88 -3.54 5.86 21.05
N SER D 89 -4.40 5.27 21.89
CA SER D 89 -4.26 5.41 23.33
C SER D 89 -4.35 4.04 23.98
N ILE D 90 -3.44 3.74 24.92
CA ILE D 90 -3.48 2.54 25.74
C ILE D 90 -3.57 3.00 27.19
N LEU D 91 -4.64 2.54 27.86
CA LEU D 91 -4.86 2.83 29.27
C LEU D 91 -4.49 1.57 30.05
N ILE D 92 -3.55 1.68 30.99
CA ILE D 92 -3.16 0.51 31.78
C ILE D 92 -3.52 0.77 33.24
N THR D 93 -4.43 -0.03 33.78
CA THR D 93 -4.81 0.09 35.17
C THR D 93 -4.03 -0.96 35.94
N SER D 94 -3.66 -0.65 37.19
CA SER D 94 -2.90 -1.58 38.03
C SER D 94 -3.02 -1.22 39.51
N ASN D 95 -2.88 -2.25 40.36
CA ASN D 95 -2.81 -2.09 41.81
C ASN D 95 -1.40 -1.71 42.26
N GLN D 96 -0.40 -1.82 41.37
CA GLN D 96 1.01 -1.55 41.71
C GLN D 96 1.56 -0.57 40.68
N THR D 97 2.63 0.17 41.02
CA THR D 97 3.31 1.02 40.05
C THR D 97 4.06 0.11 39.09
N PRO D 98 4.41 0.60 37.89
CA PRO D 98 5.15 -0.21 36.93
C PRO D 98 6.42 -0.84 37.50
N LEU D 99 7.02 -0.25 38.55
CA LEU D 99 8.23 -0.81 39.15
C LEU D 99 8.02 -2.30 39.51
N GLU D 100 6.80 -2.67 39.92
CA GLU D 100 6.50 -3.99 40.46
C GLU D 100 6.09 -5.00 39.37
N TRP D 101 5.84 -4.54 38.13
CA TRP D 101 5.40 -5.41 37.05
C TRP D 101 6.52 -6.37 36.63
N TYR D 102 7.75 -5.87 36.48
CA TYR D 102 8.87 -6.66 35.98
C TYR D 102 10.07 -6.49 36.91
N SER D 103 10.69 -7.60 37.29
CA SER D 103 11.95 -7.51 38.07
C SER D 103 13.06 -7.09 37.12
N SER D 104 14.03 -6.31 37.60
CA SER D 104 15.13 -5.81 36.73
C SER D 104 16.01 -6.99 36.32
N THR D 105 15.98 -8.09 37.08
CA THR D 105 16.71 -9.33 36.73
C THR D 105 16.10 -10.00 35.49
N ALA D 106 14.95 -9.51 35.02
CA ALA D 106 14.27 -10.17 33.89
C ALA D 106 14.14 -9.24 32.70
N VAL D 107 14.92 -8.14 32.66
CA VAL D 107 14.68 -7.11 31.61
C VAL D 107 15.97 -6.39 31.23
N PRO D 108 16.26 -6.16 29.94
CA PRO D 108 17.43 -5.35 29.54
C PRO D 108 17.51 -3.96 30.16
N ALA D 109 16.53 -3.08 29.89
CA ALA D 109 16.53 -1.74 30.47
C ALA D 109 15.10 -1.25 30.68
N VAL D 110 14.75 -1.05 31.95
CA VAL D 110 13.38 -0.85 32.37
C VAL D 110 12.90 0.52 31.85
N GLU D 111 13.82 1.49 31.72
CA GLU D 111 13.54 2.80 31.14
C GLU D 111 12.95 2.75 29.71
N ALA D 112 13.17 1.66 28.95
CA ALA D 112 12.54 1.46 27.65
C ALA D 112 11.01 1.54 27.76
N LEU D 113 10.45 0.83 28.75
CA LEU D 113 9.03 0.95 29.00
C LEU D 113 8.73 2.37 29.50
N TYR D 114 9.48 2.86 30.49
CA TYR D 114 9.08 4.06 31.21
C TYR D 114 9.04 5.28 30.28
N ARG D 115 9.90 5.35 29.26
CA ARG D 115 9.91 6.46 28.33
C ARG D 115 8.70 6.42 27.41
N ARG D 116 8.10 5.24 27.26
CA ARG D 116 6.89 5.11 26.45
C ARG D 116 5.64 5.48 27.23
N ILE D 117 5.72 5.48 28.55
CA ILE D 117 4.58 5.90 29.38
C ILE D 117 4.36 7.41 29.22
N THR D 118 3.13 7.82 28.93
CA THR D 118 2.82 9.21 28.58
C THR D 118 2.31 9.93 29.83
N SER D 119 1.49 9.25 30.64
CA SER D 119 1.09 9.86 31.90
C SER D 119 0.93 8.80 32.97
N LEU D 120 1.27 9.21 34.19
CA LEU D 120 1.15 8.33 35.33
C LEU D 120 0.27 9.04 36.36
N VAL D 121 -0.86 8.38 36.66
CA VAL D 121 -1.94 8.84 37.52
C VAL D 121 -2.01 7.85 38.68
N PHE D 122 -2.15 8.37 39.90
CA PHE D 122 -1.91 7.63 41.13
C PHE D 122 -2.93 8.03 42.20
N TRP D 123 -3.48 7.02 42.88
CA TRP D 123 -4.50 7.27 43.92
C TRP D 123 -3.84 7.65 45.23
N LYS D 124 -4.26 8.78 45.77
CA LYS D 124 -3.79 9.19 47.10
C LYS D 124 -5.02 9.18 48.03
N THR D 127 -9.25 9.47 48.54
CA THR D 127 -9.83 10.76 48.12
C THR D 127 -9.69 10.98 46.61
N GLU D 128 -8.47 10.86 46.03
CA GLU D 128 -8.34 11.25 44.60
C GLU D 128 -7.16 10.73 43.77
N GLN D 129 -7.33 10.65 42.46
CA GLN D 129 -6.30 10.37 41.49
C GLN D 129 -5.53 11.67 41.29
N SER D 130 -4.21 11.56 41.35
CA SER D 130 -3.33 12.72 41.13
C SER D 130 -2.41 12.42 39.94
N THR D 131 -2.31 13.37 39.01
CA THR D 131 -1.37 13.20 37.87
C THR D 131 0.03 13.40 38.44
N GLU D 132 0.85 12.38 38.34
CA GLU D 132 2.21 12.44 38.91
C GLU D 132 3.16 13.10 37.91
N GLU D 133 4.19 13.78 38.40
CA GLU D 133 5.22 14.35 37.48
C GLU D 133 6.45 13.46 37.56
N GLY D 134 6.49 12.40 36.75
CA GLY D 134 7.63 11.48 36.67
C GLY D 134 8.94 12.11 37.08
N GLY D 135 9.65 11.45 37.98
CA GLY D 135 10.82 12.04 38.63
C GLY D 135 10.26 12.34 40.01
N GLN D 136 9.61 11.35 40.62
CA GLN D 136 8.91 11.60 41.91
C GLN D 136 9.12 10.49 42.93
N PHE D 137 8.61 10.72 44.13
CA PHE D 137 8.77 9.76 45.24
C PHE D 137 8.14 8.40 44.93
N VAL D 138 7.00 8.31 44.25
CA VAL D 138 6.39 6.99 44.08
C VAL D 138 6.76 6.32 42.76
N THR D 139 7.27 7.06 41.76
CA THR D 139 7.95 6.48 40.60
C THR D 139 9.17 7.33 40.28
N LEU D 140 10.32 6.88 40.78
CA LEU D 140 11.58 7.67 40.70
C LEU D 140 12.26 7.61 39.34
N SER D 141 11.52 7.31 38.28
CA SER D 141 12.10 7.30 36.91
C SER D 141 11.31 8.32 36.07
N PRO D 142 11.92 8.98 35.07
CA PRO D 142 11.17 9.88 34.20
C PRO D 142 10.35 9.18 33.11
N PRO D 143 9.17 9.72 32.74
CA PRO D 143 8.35 9.20 31.66
C PRO D 143 8.26 10.13 30.45
N CYS D 144 7.51 9.75 29.41
CA CYS D 144 7.29 10.60 28.20
C CYS D 144 8.57 11.35 27.81
N MET E 1 53.70 -6.46 -0.94
CA MET E 1 52.76 -6.47 0.22
C MET E 1 51.69 -7.56 0.03
N ARG E 2 50.65 -7.34 -0.78
CA ARG E 2 49.88 -8.44 -1.35
C ARG E 2 50.67 -9.05 -2.51
N ASP E 3 50.92 -10.37 -2.51
CA ASP E 3 51.25 -11.08 -3.74
C ASP E 3 50.54 -12.42 -3.67
N TRP E 4 49.24 -12.40 -4.01
CA TRP E 4 48.35 -13.58 -4.10
C TRP E 4 47.11 -13.19 -4.90
N LYS E 5 46.44 -14.17 -5.53
CA LYS E 5 45.16 -13.91 -6.17
C LYS E 5 44.11 -13.60 -5.10
N THR E 6 43.53 -12.40 -5.16
CA THR E 6 42.40 -12.05 -4.31
C THR E 6 41.17 -12.75 -4.87
N ASN E 7 40.51 -13.58 -4.06
CA ASN E 7 39.21 -14.09 -4.44
C ASN E 7 38.16 -12.98 -4.41
N VAL E 8 37.24 -13.01 -5.37
CA VAL E 8 36.21 -12.01 -5.56
C VAL E 8 34.89 -12.75 -5.67
N HIS E 9 34.02 -12.53 -4.68
CA HIS E 9 32.72 -13.17 -4.65
C HIS E 9 31.68 -12.06 -4.80
N VAL E 10 30.81 -12.17 -5.80
CA VAL E 10 29.84 -11.13 -6.10
C VAL E 10 28.45 -11.66 -5.73
N ILE E 11 27.76 -10.91 -4.85
CA ILE E 11 26.45 -11.25 -4.30
C ILE E 11 25.42 -10.30 -4.91
N VAL E 12 24.49 -10.85 -5.68
CA VAL E 12 23.53 -10.04 -6.40
C VAL E 12 22.11 -10.38 -5.93
N GLY E 13 21.28 -9.32 -5.84
CA GLY E 13 19.88 -9.50 -5.48
C GLY E 13 19.20 -8.16 -5.17
N PRO E 14 17.84 -8.19 -5.03
CA PRO E 14 17.10 -6.95 -4.82
C PRO E 14 17.28 -6.37 -3.42
N PRO E 15 17.22 -5.04 -3.30
CA PRO E 15 17.28 -4.39 -2.01
C PRO E 15 16.45 -5.11 -0.94
N GLY E 16 17.08 -5.58 0.13
CA GLY E 16 16.35 -6.21 1.25
C GLY E 16 16.42 -7.71 1.29
N CYS E 17 17.13 -8.35 0.37
CA CYS E 17 17.05 -9.81 0.31
C CYS E 17 18.08 -10.51 1.19
N GLY E 18 19.00 -9.75 1.82
CA GLY E 18 19.97 -10.32 2.73
C GLY E 18 21.40 -10.29 2.21
N LYS E 19 21.73 -9.36 1.31
CA LYS E 19 23.08 -9.25 0.79
C LYS E 19 24.08 -8.87 1.88
N SER E 20 23.74 -7.87 2.72
CA SER E 20 24.75 -7.37 3.64
C SER E 20 24.96 -8.38 4.75
N LYS E 21 23.91 -9.18 5.05
CA LYS E 21 24.00 -10.23 6.04
C LYS E 21 24.86 -11.39 5.53
N TRP E 22 24.71 -11.72 4.23
CA TRP E 22 25.57 -12.73 3.62
C TRP E 22 27.04 -12.37 3.83
N ALA E 23 27.37 -11.11 3.51
CA ALA E 23 28.73 -10.61 3.59
C ALA E 23 29.22 -10.66 5.04
N ALA E 24 28.36 -10.23 5.96
CA ALA E 24 28.73 -10.18 7.37
C ALA E 24 29.03 -11.56 7.92
N ASN E 25 28.34 -12.59 7.41
CA ASN E 25 28.52 -13.95 7.90
C ASN E 25 29.63 -14.72 7.17
N PHE E 26 30.31 -14.11 6.18
CA PHE E 26 31.35 -14.85 5.47
C PHE E 26 32.56 -15.16 6.37
N ALA E 27 33.02 -14.17 7.13
CA ALA E 27 34.17 -14.38 8.00
C ALA E 27 33.97 -13.57 9.29
N ASP E 28 34.86 -13.80 10.29
CA ASP E 28 34.89 -13.02 11.53
C ASP E 28 34.87 -11.52 11.23
N PRO E 29 34.04 -10.72 11.95
CA PRO E 29 34.08 -9.25 11.82
C PRO E 29 35.49 -8.67 12.02
N GLU E 30 36.30 -9.33 12.85
CA GLU E 30 37.65 -8.84 13.13
C GLU E 30 38.53 -8.96 11.88
N THR E 31 38.15 -9.85 10.95
CA THR E 31 38.92 -10.04 9.72
C THR E 31 38.29 -9.29 8.54
N THR E 32 37.21 -8.53 8.78
CA THR E 32 36.44 -7.94 7.70
C THR E 32 36.41 -6.41 7.82
N TYR E 33 36.78 -5.70 6.74
CA TYR E 33 36.62 -4.27 6.57
C TYR E 33 35.54 -3.97 5.53
N TRP E 34 34.66 -3.01 5.85
CA TRP E 34 33.58 -2.54 4.99
C TRP E 34 34.02 -1.26 4.31
N LYS E 35 34.20 -1.32 2.99
CA LYS E 35 34.57 -0.13 2.26
C LYS E 35 33.47 0.93 2.43
N PRO E 36 33.78 2.20 2.79
CA PRO E 36 32.76 3.24 2.70
C PRO E 36 32.29 3.34 1.26
N PRO E 37 30.95 3.46 1.02
CA PRO E 37 30.64 3.54 -0.40
C PRO E 37 30.78 4.84 -1.10
N ARG E 38 30.80 4.79 -2.41
CA ARG E 38 30.85 5.97 -3.22
C ARG E 38 32.04 6.87 -3.07
N ASN E 39 33.15 6.32 -2.62
CA ASN E 39 34.36 7.09 -2.54
C ASN E 39 35.60 6.28 -2.75
N LYS E 40 36.74 6.92 -2.77
CA LYS E 40 37.99 6.27 -3.09
C LYS E 40 38.77 6.02 -1.80
N TRP E 41 38.14 6.33 -0.65
CA TRP E 41 38.85 6.36 0.61
C TRP E 41 38.73 5.03 1.34
N TRP E 42 39.87 4.59 1.86
CA TRP E 42 39.96 3.35 2.60
C TRP E 42 40.32 3.64 4.05
N ASP E 43 39.90 4.84 4.50
CA ASP E 43 40.07 5.25 5.88
C ASP E 43 39.66 4.11 6.79
N GLY E 44 40.58 3.76 7.72
CA GLY E 44 40.32 2.78 8.77
C GLY E 44 40.51 1.32 8.33
N TYR E 45 40.99 1.12 7.10
CA TYR E 45 41.45 -0.19 6.68
C TYR E 45 42.75 -0.50 7.42
N HIS E 46 42.76 -1.64 8.13
CA HIS E 46 43.91 -2.07 8.92
C HIS E 46 44.48 -3.42 8.47
N GLY E 47 44.51 -3.68 7.16
CA GLY E 47 45.06 -4.94 6.66
C GLY E 47 44.15 -6.17 6.81
N GLU E 48 42.83 -5.99 6.94
CA GLU E 48 41.87 -7.07 7.05
C GLU E 48 41.89 -7.94 5.78
N GLU E 49 41.71 -9.25 6.00
CA GLU E 49 41.84 -10.24 4.96
C GLU E 49 40.61 -10.26 4.07
N VAL E 50 39.46 -9.88 4.65
CA VAL E 50 38.19 -9.84 3.93
C VAL E 50 37.73 -8.38 3.80
N VAL E 51 37.54 -7.93 2.56
CA VAL E 51 37.02 -6.59 2.28
C VAL E 51 35.62 -6.72 1.68
N VAL E 52 34.68 -5.88 2.12
CA VAL E 52 33.31 -5.93 1.59
C VAL E 52 33.04 -4.58 0.94
N ILE E 53 32.68 -4.63 -0.36
CA ILE E 53 32.35 -3.43 -1.10
C ILE E 53 30.85 -3.51 -1.29
N ASP E 54 30.15 -2.94 -0.30
CA ASP E 54 28.70 -3.00 -0.25
C ASP E 54 28.15 -1.98 -1.26
N ASP E 55 27.04 -2.34 -1.93
CA ASP E 55 26.27 -1.46 -2.79
C ASP E 55 27.16 -0.90 -3.91
N PHE E 56 27.79 -1.84 -4.62
CA PHE E 56 28.64 -1.48 -5.74
C PHE E 56 27.78 -1.35 -6.99
N TYR E 57 28.02 -0.31 -7.78
CA TYR E 57 27.27 -0.07 -9.02
C TYR E 57 28.21 0.54 -10.02
N GLY E 58 29.49 0.32 -9.83
CA GLY E 58 30.52 0.74 -10.77
C GLY E 58 31.06 2.13 -10.45
N TRP E 59 31.04 2.51 -9.15
CA TRP E 59 31.48 3.84 -8.74
C TRP E 59 32.96 3.89 -8.37
N LEU E 60 33.71 2.85 -8.73
CA LEU E 60 35.15 3.00 -8.79
C LEU E 60 35.53 3.05 -10.27
N PRO E 61 36.54 3.85 -10.66
CA PRO E 61 37.06 3.75 -12.02
C PRO E 61 37.49 2.31 -12.33
N TRP E 62 37.24 1.91 -13.58
CA TRP E 62 37.37 0.55 -14.06
C TRP E 62 38.71 -0.06 -13.66
N ASP E 63 39.77 0.71 -13.87
CA ASP E 63 41.13 0.24 -13.70
C ASP E 63 41.44 0.08 -12.21
N ASP E 64 40.82 0.91 -11.37
CA ASP E 64 41.00 0.77 -9.92
C ASP E 64 40.43 -0.56 -9.49
N LEU E 65 39.27 -0.91 -10.03
CA LEU E 65 38.60 -2.13 -9.61
C LEU E 65 39.35 -3.34 -10.13
N LEU E 66 39.88 -3.27 -11.38
CA LEU E 66 40.63 -4.39 -11.90
C LEU E 66 41.84 -4.66 -11.00
N ARG E 67 42.56 -3.61 -10.58
CA ARG E 67 43.68 -3.77 -9.67
C ARG E 67 43.24 -4.34 -8.31
N LEU E 68 42.13 -3.89 -7.73
CA LEU E 68 41.67 -4.45 -6.46
C LEU E 68 41.45 -5.95 -6.55
N CYS E 69 40.93 -6.40 -7.69
CA CYS E 69 40.49 -7.78 -7.91
C CYS E 69 41.62 -8.64 -8.47
N ASP E 70 42.87 -8.22 -8.31
CA ASP E 70 43.99 -8.88 -8.97
C ASP E 70 44.92 -9.42 -7.90
N ARG E 71 46.18 -9.68 -8.29
CA ARG E 71 47.06 -10.46 -7.44
C ARG E 71 48.30 -9.68 -7.04
N TYR E 72 48.50 -8.46 -7.54
CA TYR E 72 49.77 -7.80 -7.35
C TYR E 72 49.69 -6.76 -6.23
N PRO E 73 50.83 -6.29 -5.67
CA PRO E 73 50.82 -5.23 -4.67
C PRO E 73 49.95 -4.06 -5.14
N LEU E 74 49.31 -3.43 -4.17
CA LEU E 74 48.45 -2.31 -4.43
C LEU E 74 48.41 -1.43 -3.19
N THR E 75 48.64 -0.12 -3.37
CA THR E 75 48.32 0.83 -2.31
C THR E 75 47.05 1.55 -2.73
N VAL E 76 46.18 1.77 -1.74
CA VAL E 76 44.93 2.45 -1.89
C VAL E 76 45.03 3.73 -1.05
N GLU E 77 44.12 4.66 -1.30
CA GLU E 77 44.21 6.00 -0.72
C GLU E 77 43.39 6.07 0.57
N THR E 78 43.90 6.81 1.56
CA THR E 78 43.09 7.35 2.65
C THR E 78 43.24 8.87 2.64
N LYS E 79 42.46 9.55 3.49
CA LYS E 79 42.45 11.00 3.52
C LYS E 79 43.80 11.57 3.98
N GLY E 80 44.60 10.74 4.67
CA GLY E 80 45.90 11.13 5.19
C GLY E 80 47.07 10.71 4.29
N THR E 82 48.55 6.95 1.87
CA THR E 82 48.31 5.61 1.37
C THR E 82 48.23 4.58 2.50
N VAL E 83 47.66 3.43 2.16
CA VAL E 83 47.79 2.22 2.95
C VAL E 83 47.92 1.01 2.00
N PRO E 84 48.69 -0.02 2.36
CA PRO E 84 48.72 -1.24 1.53
C PRO E 84 47.39 -2.00 1.53
N PHE E 85 46.91 -2.39 0.35
CA PHE E 85 45.75 -3.26 0.25
C PHE E 85 46.15 -4.73 0.43
N LEU E 86 45.49 -5.47 1.33
CA LEU E 86 45.96 -6.80 1.74
C LEU E 86 44.87 -7.88 1.73
N ALA E 87 43.79 -7.70 0.97
CA ALA E 87 42.68 -8.63 1.08
C ALA E 87 43.01 -9.97 0.40
N ARG E 88 42.46 -11.04 0.94
CA ARG E 88 42.57 -12.35 0.34
C ARG E 88 41.18 -12.60 -0.26
N SER E 89 40.14 -12.02 0.32
CA SER E 89 38.80 -12.11 -0.27
C SER E 89 38.18 -10.71 -0.33
N ILE E 90 37.51 -10.41 -1.45
CA ILE E 90 36.66 -9.24 -1.57
C ILE E 90 35.24 -9.75 -1.85
N LEU E 91 34.27 -9.33 -1.02
CA LEU E 91 32.86 -9.61 -1.30
C LEU E 91 32.19 -8.33 -1.81
N ILE E 92 31.61 -8.39 -3.03
CA ILE E 92 30.97 -7.23 -3.63
C ILE E 92 29.46 -7.47 -3.67
N THR E 93 28.68 -6.59 -3.02
CA THR E 93 27.21 -6.74 -3.03
C THR E 93 26.61 -5.71 -3.96
N SER E 94 25.57 -6.11 -4.70
CA SER E 94 24.97 -5.24 -5.70
C SER E 94 23.52 -5.62 -5.99
N ASN E 95 22.74 -4.61 -6.42
CA ASN E 95 21.37 -4.77 -6.90
C ASN E 95 21.35 -5.28 -8.35
N GLN E 96 22.46 -5.05 -9.05
CA GLN E 96 22.56 -5.44 -10.46
C GLN E 96 23.66 -6.48 -10.61
N THR E 97 23.55 -7.29 -11.68
CA THR E 97 24.64 -8.17 -12.09
C THR E 97 25.78 -7.26 -12.56
N PRO E 98 27.04 -7.72 -12.53
CA PRO E 98 28.15 -6.94 -13.05
C PRO E 98 27.96 -6.44 -14.49
N LEU E 99 27.05 -7.06 -15.24
CA LEU E 99 26.73 -6.64 -16.61
C LEU E 99 26.41 -5.14 -16.63
N GLU E 100 25.72 -4.68 -15.60
CA GLU E 100 25.15 -3.34 -15.55
C GLU E 100 26.15 -2.30 -15.03
N TRP E 101 27.21 -2.73 -14.34
CA TRP E 101 28.07 -1.79 -13.62
C TRP E 101 28.80 -0.85 -14.58
N TYR E 102 29.33 -1.44 -15.65
CA TYR E 102 30.05 -0.68 -16.65
C TYR E 102 29.47 -1.02 -18.03
N SER E 103 29.12 0.02 -18.77
CA SER E 103 28.65 -0.11 -20.14
C SER E 103 29.80 -0.58 -21.04
N SER E 104 29.51 -1.37 -22.08
CA SER E 104 30.57 -1.88 -22.96
C SER E 104 31.26 -0.76 -23.74
N THR E 105 30.58 0.40 -23.81
CA THR E 105 31.15 1.59 -24.44
C THR E 105 32.28 2.18 -23.60
N ALA E 106 32.21 2.03 -22.27
CA ALA E 106 33.08 2.78 -21.37
C ALA E 106 34.39 2.05 -21.11
N VAL E 107 34.65 0.93 -21.80
CA VAL E 107 35.61 -0.04 -21.31
C VAL E 107 36.28 -0.76 -22.48
N PRO E 108 37.58 -1.15 -22.36
CA PRO E 108 38.22 -1.97 -23.41
C PRO E 108 37.61 -3.37 -23.62
N ALA E 109 37.50 -4.15 -22.55
CA ALA E 109 37.04 -5.53 -22.60
C ALA E 109 36.41 -5.87 -21.25
N VAL E 110 35.10 -6.04 -21.22
CA VAL E 110 34.38 -6.26 -19.97
C VAL E 110 34.82 -7.58 -19.32
N GLU E 111 35.26 -8.57 -20.12
CA GLU E 111 35.69 -9.87 -19.62
C GLU E 111 36.91 -9.71 -18.71
N ALA E 112 37.60 -8.57 -18.76
CA ALA E 112 38.71 -8.29 -17.86
C ALA E 112 38.25 -8.30 -16.41
N LEU E 113 37.07 -7.73 -16.14
CA LEU E 113 36.46 -7.85 -14.83
C LEU E 113 36.02 -9.28 -14.59
N TYR E 114 35.27 -9.84 -15.56
CA TYR E 114 34.53 -11.06 -15.32
C TYR E 114 35.47 -12.23 -15.01
N ARG E 115 36.62 -12.32 -15.65
CA ARG E 115 37.58 -13.41 -15.40
C ARG E 115 38.20 -13.32 -14.02
N ARG E 116 38.16 -12.14 -13.43
CA ARG E 116 38.72 -11.93 -12.13
C ARG E 116 37.70 -12.29 -11.06
N ILE E 117 36.45 -12.49 -11.44
CA ILE E 117 35.41 -12.83 -10.47
C ILE E 117 35.56 -14.31 -10.16
N THR E 118 35.59 -14.68 -8.86
CA THR E 118 35.76 -16.03 -8.40
C THR E 118 34.41 -16.76 -8.32
N SER E 119 33.38 -16.09 -7.82
CA SER E 119 32.11 -16.78 -7.66
C SER E 119 31.01 -15.74 -7.71
N LEU E 120 29.84 -16.22 -8.14
CA LEU E 120 28.70 -15.36 -8.33
C LEU E 120 27.52 -16.04 -7.65
N VAL E 121 26.98 -15.32 -6.66
CA VAL E 121 25.90 -15.79 -5.80
C VAL E 121 24.71 -14.88 -6.04
N PHE E 122 23.52 -15.47 -6.20
CA PHE E 122 22.41 -14.78 -6.83
C PHE E 122 21.12 -15.09 -6.06
N TRP E 123 20.30 -14.07 -5.87
CA TRP E 123 18.99 -14.22 -5.18
C TRP E 123 17.93 -14.73 -6.15
N LYS E 124 17.36 -15.90 -5.85
CA LYS E 124 16.27 -16.48 -6.68
C LYS E 124 14.96 -15.77 -6.36
N THR E 127 13.34 -16.42 -2.08
CA THR E 127 13.55 -17.69 -1.35
C THR E 127 15.02 -17.88 -0.96
N GLU E 128 15.97 -17.85 -1.91
CA GLU E 128 17.37 -18.17 -1.51
C GLU E 128 18.52 -17.73 -2.42
N GLN E 129 19.69 -17.55 -1.82
CA GLN E 129 20.93 -17.30 -2.54
C GLN E 129 21.31 -18.64 -3.20
N SER E 130 21.42 -18.64 -4.53
CA SER E 130 21.98 -19.80 -5.21
C SER E 130 23.36 -19.45 -5.79
N THR E 131 24.30 -20.39 -5.67
CA THR E 131 25.60 -20.20 -6.28
C THR E 131 25.50 -20.58 -7.75
N GLU E 132 25.85 -19.65 -8.64
CA GLU E 132 25.64 -19.90 -10.05
C GLU E 132 26.91 -20.47 -10.70
N GLU E 133 26.77 -21.14 -11.85
CA GLU E 133 27.91 -21.61 -12.63
C GLU E 133 27.94 -20.84 -13.95
N GLY E 134 28.66 -19.71 -13.93
CA GLY E 134 28.76 -18.76 -15.03
C GLY E 134 28.85 -19.43 -16.40
N GLY E 135 28.31 -18.72 -17.39
CA GLY E 135 27.72 -19.26 -18.59
C GLY E 135 26.35 -19.81 -18.23
N GLN E 136 25.45 -18.89 -17.81
CA GLN E 136 24.14 -19.21 -17.25
C GLN E 136 23.16 -18.08 -17.59
N PHE E 137 21.88 -18.38 -17.35
CA PHE E 137 20.72 -17.56 -17.71
C PHE E 137 20.84 -16.13 -17.19
N VAL E 138 21.29 -15.93 -15.94
CA VAL E 138 21.28 -14.59 -15.39
C VAL E 138 22.61 -13.84 -15.52
N THR E 139 23.70 -14.55 -15.75
CA THR E 139 24.96 -13.90 -16.14
C THR E 139 25.59 -14.75 -17.24
N LEU E 140 25.46 -14.21 -18.44
CA LEU E 140 25.78 -14.85 -19.69
C LEU E 140 27.27 -15.17 -19.82
N SER E 141 28.12 -14.37 -19.18
CA SER E 141 29.56 -14.45 -19.43
C SER E 141 30.19 -15.50 -18.50
N PRO E 142 31.34 -16.09 -18.88
CA PRO E 142 32.12 -16.92 -17.96
C PRO E 142 32.90 -16.09 -16.95
N PRO E 143 33.09 -16.60 -15.73
CA PRO E 143 34.04 -16.03 -14.77
C PRO E 143 35.14 -16.98 -14.32
N CYS E 144 36.12 -16.44 -13.59
CA CYS E 144 37.18 -17.18 -12.95
C CYS E 144 37.96 -18.03 -13.97
N MET F 1 -19.65 -1.91 5.22
CA MET F 1 -18.35 -2.48 4.77
C MET F 1 -18.49 -2.96 3.32
N ARG F 2 -18.97 -4.19 3.09
CA ARG F 2 -19.35 -4.55 1.72
C ARG F 2 -20.63 -3.83 1.36
N ASP F 3 -20.58 -3.22 0.18
CA ASP F 3 -21.74 -2.57 -0.41
C ASP F 3 -21.69 -2.77 -1.92
N TRP F 4 -21.70 -4.04 -2.34
CA TRP F 4 -21.56 -4.40 -3.75
C TRP F 4 -21.99 -5.85 -3.86
N LYS F 5 -22.44 -6.26 -5.05
CA LYS F 5 -22.77 -7.65 -5.29
C LYS F 5 -21.46 -8.43 -5.36
N THR F 6 -21.27 -9.38 -4.45
CA THR F 6 -20.15 -10.31 -4.57
C THR F 6 -20.45 -11.23 -5.75
N ASN F 7 -19.55 -11.28 -6.75
CA ASN F 7 -19.65 -12.23 -7.86
C ASN F 7 -19.38 -13.63 -7.34
N VAL F 8 -20.14 -14.59 -7.83
CA VAL F 8 -19.95 -16.00 -7.48
C VAL F 8 -19.76 -16.83 -8.76
N HIS F 9 -18.58 -17.39 -8.93
CA HIS F 9 -18.27 -18.26 -10.05
C HIS F 9 -18.14 -19.70 -9.52
N VAL F 10 -18.89 -20.63 -10.10
CA VAL F 10 -18.90 -22.00 -9.64
C VAL F 10 -18.26 -22.86 -10.73
N ILE F 11 -17.18 -23.57 -10.38
CA ILE F 11 -16.40 -24.39 -11.28
C ILE F 11 -16.66 -25.87 -10.90
N VAL F 12 -17.25 -26.65 -11.80
CA VAL F 12 -17.64 -28.05 -11.54
C VAL F 12 -16.90 -29.03 -12.45
N GLY F 13 -16.53 -30.20 -11.90
CA GLY F 13 -15.83 -31.22 -12.64
C GLY F 13 -15.18 -32.27 -11.74
N PRO F 14 -14.69 -33.39 -12.37
CA PRO F 14 -14.18 -34.44 -11.51
C PRO F 14 -12.79 -34.23 -10.99
N PRO F 15 -12.48 -34.94 -9.95
CA PRO F 15 -11.14 -34.86 -9.42
C PRO F 15 -10.08 -34.86 -10.50
N GLY F 16 -9.30 -33.79 -10.61
CA GLY F 16 -8.24 -33.75 -11.57
C GLY F 16 -8.46 -32.96 -12.83
N CYS F 17 -9.63 -32.40 -12.96
CA CYS F 17 -9.91 -31.59 -14.10
C CYS F 17 -9.13 -30.28 -14.07
N GLY F 18 -8.54 -29.94 -12.93
CA GLY F 18 -7.84 -28.66 -12.81
C GLY F 18 -8.67 -27.54 -12.17
N LYS F 19 -9.61 -27.89 -11.29
CA LYS F 19 -10.49 -26.88 -10.73
C LYS F 19 -9.71 -25.91 -9.85
N SER F 20 -8.81 -26.46 -9.01
CA SER F 20 -8.12 -25.65 -8.01
C SER F 20 -7.08 -24.79 -8.71
N LYS F 21 -6.55 -25.30 -9.83
CA LYS F 21 -5.63 -24.53 -10.64
C LYS F 21 -6.38 -23.35 -11.25
N TRP F 22 -7.58 -23.57 -11.83
CA TRP F 22 -8.38 -22.49 -12.38
C TRP F 22 -8.54 -21.36 -11.36
N ALA F 23 -8.93 -21.72 -10.13
CA ALA F 23 -9.06 -20.79 -9.02
C ALA F 23 -7.78 -20.02 -8.73
N ALA F 24 -6.65 -20.73 -8.61
CA ALA F 24 -5.39 -20.08 -8.29
C ALA F 24 -4.97 -19.12 -9.40
N ASN F 25 -5.40 -19.39 -10.63
CA ASN F 25 -4.98 -18.60 -11.78
C ASN F 25 -5.83 -17.35 -11.94
N PHE F 26 -6.97 -17.29 -11.24
CA PHE F 26 -7.96 -16.23 -11.42
C PHE F 26 -7.38 -14.89 -11.03
N ALA F 27 -6.74 -14.81 -9.86
CA ALA F 27 -6.19 -13.57 -9.36
C ALA F 27 -4.91 -13.87 -8.57
N ASP F 28 -4.20 -12.82 -8.17
CA ASP F 28 -2.92 -12.93 -7.49
C ASP F 28 -3.12 -13.65 -6.15
N PRO F 29 -2.25 -14.61 -5.74
CA PRO F 29 -2.36 -15.23 -4.40
C PRO F 29 -2.48 -14.23 -3.25
N GLU F 30 -1.89 -13.04 -3.41
CA GLU F 30 -1.89 -12.01 -2.39
C GLU F 30 -3.31 -11.43 -2.18
N THR F 31 -4.17 -11.56 -3.20
CA THR F 31 -5.52 -11.02 -3.19
C THR F 31 -6.53 -12.14 -2.98
N THR F 32 -6.03 -13.37 -2.76
CA THR F 32 -6.90 -14.53 -2.69
C THR F 32 -6.74 -15.23 -1.35
N TYR F 33 -7.87 -15.44 -0.69
CA TYR F 33 -7.96 -16.30 0.47
C TYR F 33 -8.64 -17.63 0.10
N TRP F 34 -8.06 -18.72 0.60
CA TRP F 34 -8.59 -20.06 0.47
C TRP F 34 -9.37 -20.44 1.73
N LYS F 35 -10.70 -20.62 1.61
CA LYS F 35 -11.52 -20.98 2.76
C LYS F 35 -11.11 -22.38 3.22
N PRO F 36 -10.75 -22.59 4.51
CA PRO F 36 -10.42 -23.92 5.00
C PRO F 36 -11.67 -24.79 4.85
N PRO F 37 -11.53 -26.02 4.32
CA PRO F 37 -12.69 -26.84 4.04
C PRO F 37 -13.38 -27.57 5.21
N ARG F 38 -14.70 -27.73 5.13
CA ARG F 38 -15.51 -28.51 6.11
C ARG F 38 -15.64 -27.85 7.49
N ASN F 39 -15.33 -26.56 7.60
CA ASN F 39 -15.55 -25.82 8.88
C ASN F 39 -16.34 -24.54 8.57
N LYS F 40 -16.93 -23.91 9.59
CA LYS F 40 -17.65 -22.63 9.39
C LYS F 40 -16.71 -21.48 9.74
N TRP F 41 -15.41 -21.74 9.77
CA TRP F 41 -14.49 -20.73 10.24
C TRP F 41 -13.77 -20.03 9.09
N TRP F 42 -13.52 -18.73 9.27
CA TRP F 42 -12.81 -17.89 8.31
C TRP F 42 -11.47 -17.41 8.88
N ASP F 43 -10.92 -18.21 9.80
CA ASP F 43 -9.64 -17.92 10.41
C ASP F 43 -8.64 -17.65 9.28
N GLY F 44 -7.82 -16.61 9.43
CA GLY F 44 -6.83 -16.27 8.41
C GLY F 44 -7.34 -15.34 7.30
N TYR F 45 -8.63 -15.05 7.25
CA TYR F 45 -9.18 -14.12 6.26
C TYR F 45 -8.84 -12.69 6.67
N HIS F 46 -8.22 -11.93 5.75
CA HIS F 46 -7.73 -10.59 6.04
C HIS F 46 -8.22 -9.60 5.00
N GLY F 47 -9.51 -9.70 4.62
CA GLY F 47 -10.14 -8.76 3.71
C GLY F 47 -9.76 -8.95 2.24
N GLU F 48 -9.26 -10.13 1.83
CA GLU F 48 -8.87 -10.42 0.44
C GLU F 48 -10.10 -10.32 -0.47
N GLU F 49 -9.91 -9.83 -1.70
CA GLU F 49 -11.00 -9.53 -2.61
C GLU F 49 -11.54 -10.78 -3.29
N VAL F 50 -10.68 -11.81 -3.43
CA VAL F 50 -11.03 -13.07 -4.03
C VAL F 50 -11.00 -14.18 -2.96
N VAL F 51 -12.11 -14.87 -2.81
CA VAL F 51 -12.23 -15.98 -1.86
C VAL F 51 -12.45 -17.22 -2.69
N VAL F 52 -11.71 -18.29 -2.43
CA VAL F 52 -11.96 -19.55 -3.09
C VAL F 52 -12.42 -20.54 -2.00
N ILE F 53 -13.58 -21.15 -2.24
CA ILE F 53 -14.08 -22.25 -1.43
C ILE F 53 -13.87 -23.54 -2.24
N ASP F 54 -12.72 -24.18 -2.04
CA ASP F 54 -12.29 -25.36 -2.79
C ASP F 54 -13.00 -26.58 -2.20
N ASP F 55 -13.45 -27.51 -3.07
CA ASP F 55 -14.03 -28.78 -2.64
C ASP F 55 -15.23 -28.53 -1.74
N PHE F 56 -16.17 -27.74 -2.24
CA PHE F 56 -17.40 -27.46 -1.53
C PHE F 56 -18.42 -28.51 -1.91
N TYR F 57 -19.16 -29.02 -0.92
CA TYR F 57 -20.27 -29.96 -1.15
C TYR F 57 -21.46 -29.61 -0.28
N GLY F 58 -21.61 -28.33 0.08
CA GLY F 58 -22.73 -27.84 0.88
C GLY F 58 -22.49 -27.90 2.39
N TRP F 59 -21.23 -27.84 2.82
CA TRP F 59 -20.89 -28.01 4.23
C TRP F 59 -20.84 -26.69 4.98
N LEU F 60 -21.42 -25.63 4.41
CA LEU F 60 -21.74 -24.41 5.13
C LEU F 60 -23.25 -24.36 5.29
N PRO F 61 -23.80 -23.84 6.40
CA PRO F 61 -25.25 -23.67 6.54
C PRO F 61 -25.81 -22.82 5.41
N TRP F 62 -26.92 -23.29 4.84
CA TRP F 62 -27.64 -22.64 3.75
C TRP F 62 -27.65 -21.11 3.88
N ASP F 63 -28.19 -20.61 4.99
CA ASP F 63 -28.41 -19.18 5.15
C ASP F 63 -27.08 -18.43 5.16
N ASP F 64 -26.02 -19.04 5.69
CA ASP F 64 -24.72 -18.41 5.71
C ASP F 64 -24.19 -18.30 4.28
N LEU F 65 -24.34 -19.36 3.45
CA LEU F 65 -23.88 -19.33 2.06
C LEU F 65 -24.63 -18.25 1.31
N LEU F 66 -25.94 -18.16 1.53
CA LEU F 66 -26.73 -17.11 0.89
C LEU F 66 -26.18 -15.73 1.22
N ARG F 67 -25.88 -15.50 2.50
CA ARG F 67 -25.41 -14.19 2.93
C ARG F 67 -24.04 -13.90 2.30
N LEU F 68 -23.14 -14.89 2.28
CA LEU F 68 -21.84 -14.74 1.66
C LEU F 68 -21.98 -14.26 0.21
N CYS F 69 -22.96 -14.81 -0.52
CA CYS F 69 -23.10 -14.62 -1.94
C CYS F 69 -23.99 -13.42 -2.26
N ASP F 70 -24.14 -12.48 -1.34
CA ASP F 70 -25.09 -11.39 -1.51
C ASP F 70 -24.33 -10.05 -1.59
N ARG F 71 -25.02 -8.94 -1.31
CA ARG F 71 -24.49 -7.60 -1.56
C ARG F 71 -24.46 -6.69 -0.33
N TYR F 72 -24.86 -7.19 0.84
CA TYR F 72 -25.00 -6.36 2.03
C TYR F 72 -23.79 -6.52 2.95
N PRO F 73 -23.51 -5.55 3.85
CA PRO F 73 -22.46 -5.70 4.85
C PRO F 73 -22.58 -7.03 5.59
N LEU F 74 -21.45 -7.66 5.87
CA LEU F 74 -21.49 -8.98 6.47
C LEU F 74 -20.17 -9.22 7.20
N THR F 75 -20.30 -9.71 8.43
CA THR F 75 -19.18 -10.27 9.16
C THR F 75 -19.24 -11.79 9.11
N VAL F 76 -18.08 -12.42 9.04
CA VAL F 76 -18.00 -13.86 9.12
C VAL F 76 -17.15 -14.20 10.33
N GLU F 77 -17.28 -15.47 10.75
CA GLU F 77 -16.86 -15.90 12.06
C GLU F 77 -15.47 -16.55 11.97
N THR F 78 -14.63 -16.17 12.92
CA THR F 78 -13.39 -16.84 13.19
C THR F 78 -13.45 -17.31 14.64
N LYS F 79 -12.47 -18.13 15.03
CA LYS F 79 -12.40 -18.64 16.40
C LYS F 79 -12.10 -17.49 17.38
N GLY F 80 -11.60 -16.35 16.89
CA GLY F 80 -11.27 -15.23 17.74
C GLY F 80 -12.28 -14.08 17.66
N GLY F 81 -13.42 -14.30 16.99
CA GLY F 81 -14.40 -13.26 16.75
C GLY F 81 -14.62 -12.95 15.27
N THR F 82 -15.48 -11.94 15.02
CA THR F 82 -15.98 -11.64 13.70
C THR F 82 -14.91 -10.85 12.96
N VAL F 83 -14.97 -10.92 11.61
CA VAL F 83 -14.13 -10.11 10.74
C VAL F 83 -15.00 -9.68 9.56
N PRO F 84 -14.82 -8.48 8.96
CA PRO F 84 -15.67 -8.08 7.84
C PRO F 84 -15.43 -8.93 6.59
N PHE F 85 -16.51 -9.31 5.92
CA PHE F 85 -16.41 -10.03 4.66
C PHE F 85 -16.40 -9.03 3.51
N LEU F 86 -15.32 -9.00 2.72
CA LEU F 86 -15.11 -7.93 1.75
C LEU F 86 -14.80 -8.45 0.35
N ALA F 87 -15.08 -9.74 0.10
CA ALA F 87 -14.89 -10.34 -1.21
C ALA F 87 -15.66 -9.58 -2.29
N ARG F 88 -15.08 -9.55 -3.48
CA ARG F 88 -15.77 -9.03 -4.63
C ARG F 88 -15.95 -10.28 -5.55
N SER F 89 -15.18 -11.34 -5.31
CA SER F 89 -15.28 -12.56 -6.10
C SER F 89 -15.23 -13.74 -5.14
N ILE F 90 -16.20 -14.65 -5.26
CA ILE F 90 -16.11 -15.96 -4.65
C ILE F 90 -16.01 -16.97 -5.77
N LEU F 91 -14.98 -17.83 -5.72
CA LEU F 91 -14.86 -18.98 -6.60
C LEU F 91 -15.23 -20.23 -5.78
N ILE F 92 -16.34 -20.92 -6.12
CA ILE F 92 -16.61 -22.21 -5.51
C ILE F 92 -16.26 -23.35 -6.48
N THR F 93 -15.33 -24.22 -6.07
CA THR F 93 -14.98 -25.40 -6.86
C THR F 93 -15.66 -26.61 -6.24
N SER F 94 -16.11 -27.54 -7.10
CA SER F 94 -16.87 -28.70 -6.63
C SER F 94 -16.81 -29.88 -7.62
N ASN F 95 -16.97 -31.10 -7.07
CA ASN F 95 -17.14 -32.31 -7.87
C ASN F 95 -18.60 -32.50 -8.30
N GLN F 96 -19.51 -31.73 -7.71
CA GLN F 96 -20.93 -31.83 -8.00
C GLN F 96 -21.45 -30.47 -8.43
N THR F 97 -22.53 -30.43 -9.24
CA THR F 97 -23.21 -29.17 -9.56
C THR F 97 -23.86 -28.68 -8.27
N PRO F 98 -24.24 -27.38 -8.17
CA PRO F 98 -24.96 -26.89 -6.99
C PRO F 98 -26.24 -27.68 -6.67
N LEU F 99 -26.77 -28.39 -7.66
CA LEU F 99 -27.99 -29.15 -7.49
C LEU F 99 -27.81 -30.18 -6.37
N GLU F 100 -26.59 -30.70 -6.17
CA GLU F 100 -26.31 -31.79 -5.24
C GLU F 100 -25.97 -31.30 -3.83
N TRP F 101 -25.57 -30.02 -3.69
CA TRP F 101 -25.02 -29.50 -2.44
C TRP F 101 -26.07 -29.50 -1.32
N TYR F 102 -27.28 -29.04 -1.59
CA TYR F 102 -28.28 -29.10 -0.51
C TYR F 102 -29.55 -29.76 -1.06
N ALA F 106 -34.21 -29.61 1.79
CA ALA F 106 -33.64 -29.25 3.08
C ALA F 106 -33.77 -27.74 3.32
N VAL F 107 -34.50 -27.03 2.45
CA VAL F 107 -34.28 -25.60 2.20
C VAL F 107 -35.60 -24.94 1.82
N PRO F 108 -35.86 -23.63 2.05
CA PRO F 108 -37.09 -23.01 1.53
C PRO F 108 -37.24 -23.04 0.00
N ALA F 109 -36.30 -22.38 -0.69
CA ALA F 109 -36.37 -22.18 -2.13
C ALA F 109 -34.95 -22.12 -2.67
N VAL F 110 -34.59 -23.15 -3.45
CA VAL F 110 -33.21 -23.37 -3.86
C VAL F 110 -32.78 -22.25 -4.81
N GLU F 111 -33.76 -21.60 -5.46
CA GLU F 111 -33.53 -20.50 -6.39
C GLU F 111 -32.84 -19.33 -5.69
N ALA F 112 -32.91 -19.31 -4.35
CA ALA F 112 -32.23 -18.30 -3.56
C ALA F 112 -30.72 -18.35 -3.82
N LEU F 113 -30.15 -19.57 -3.77
CA LEU F 113 -28.75 -19.76 -4.10
C LEU F 113 -28.53 -19.45 -5.57
N TYR F 114 -29.36 -20.03 -6.44
CA TYR F 114 -29.07 -20.03 -7.87
C TYR F 114 -29.02 -18.60 -8.40
N ARG F 115 -29.93 -17.75 -7.94
CA ARG F 115 -29.99 -16.36 -8.38
C ARG F 115 -28.80 -15.53 -7.92
N ARG F 116 -28.09 -16.01 -6.92
CA ARG F 116 -26.89 -15.31 -6.48
C ARG F 116 -25.62 -15.82 -7.18
N ILE F 117 -25.71 -16.90 -7.95
CA ILE F 117 -24.58 -17.38 -8.73
C ILE F 117 -24.39 -16.48 -9.96
N THR F 118 -23.14 -16.14 -10.27
CA THR F 118 -22.84 -15.21 -11.35
C THR F 118 -22.44 -15.97 -12.61
N SER F 119 -21.62 -17.02 -12.48
CA SER F 119 -21.29 -17.83 -13.64
C SER F 119 -21.13 -19.29 -13.23
N LEU F 120 -21.38 -20.16 -14.20
CA LEU F 120 -21.23 -21.59 -14.03
C LEU F 120 -20.28 -22.13 -15.10
N VAL F 121 -19.19 -22.76 -14.64
CA VAL F 121 -18.11 -23.24 -15.49
C VAL F 121 -17.98 -24.73 -15.22
N PHE F 122 -17.99 -25.55 -16.27
CA PHE F 122 -18.23 -26.98 -16.16
C PHE F 122 -17.22 -27.72 -17.04
N TRP F 123 -16.63 -28.77 -16.48
CA TRP F 123 -15.68 -29.60 -17.24
C TRP F 123 -16.46 -30.51 -18.18
N LYS F 124 -16.19 -30.42 -19.47
CA LYS F 124 -16.84 -31.28 -20.49
C LYS F 124 -15.85 -32.36 -20.95
N ASN F 125 -16.31 -33.62 -21.09
CA ASN F 125 -15.48 -34.78 -21.54
C ASN F 125 -14.58 -35.26 -20.40
N GLU F 128 -12.21 -29.92 -21.44
CA GLU F 128 -12.04 -28.47 -21.11
C GLU F 128 -13.19 -27.90 -20.30
N GLN F 129 -12.92 -26.81 -19.57
CA GLN F 129 -13.93 -26.08 -18.82
C GLN F 129 -14.70 -25.24 -19.84
N SER F 130 -16.03 -25.40 -19.85
CA SER F 130 -16.89 -24.57 -20.69
C SER F 130 -17.75 -23.70 -19.79
N THR F 131 -17.95 -22.44 -20.19
CA THR F 131 -18.90 -21.56 -19.52
C THR F 131 -20.31 -21.87 -20.02
N GLU F 132 -21.22 -22.20 -19.08
CA GLU F 132 -22.55 -22.59 -19.45
C GLU F 132 -23.48 -21.38 -19.42
N GLU F 133 -24.62 -21.44 -20.13
CA GLU F 133 -25.61 -20.37 -20.06
C GLU F 133 -26.87 -20.86 -19.34
N GLY F 134 -26.92 -20.66 -18.00
CA GLY F 134 -28.03 -20.98 -17.11
C GLY F 134 -29.41 -20.93 -17.78
N GLY F 135 -30.27 -21.88 -17.35
CA GLY F 135 -31.34 -22.47 -18.14
C GLY F 135 -30.72 -23.41 -19.16
N GLN F 136 -30.19 -24.52 -18.67
CA GLN F 136 -29.48 -25.50 -19.54
C GLN F 136 -29.58 -26.92 -18.99
N PHE F 137 -29.20 -27.90 -19.78
CA PHE F 137 -29.28 -29.31 -19.44
C PHE F 137 -28.66 -29.66 -18.07
N VAL F 138 -27.44 -29.16 -17.78
CA VAL F 138 -26.72 -29.66 -16.63
C VAL F 138 -27.04 -28.84 -15.36
N THR F 139 -27.50 -27.60 -15.51
CA THR F 139 -28.06 -26.81 -14.41
C THR F 139 -29.34 -26.16 -14.92
N LEU F 140 -30.43 -26.81 -14.49
CA LEU F 140 -31.79 -26.61 -14.96
C LEU F 140 -32.23 -25.15 -14.79
N SER F 141 -31.78 -24.50 -13.71
CA SER F 141 -32.42 -23.31 -13.15
C SER F 141 -31.78 -22.04 -13.72
N PRO F 142 -32.38 -20.83 -13.65
CA PRO F 142 -31.68 -19.59 -14.04
C PRO F 142 -30.74 -19.02 -12.96
N PRO F 143 -29.64 -18.34 -13.32
CA PRO F 143 -28.82 -17.63 -12.35
C PRO F 143 -28.73 -16.10 -12.53
N CYS F 144 -28.02 -15.48 -11.58
CA CYS F 144 -27.67 -14.07 -11.66
C CYS F 144 -28.92 -13.23 -11.89
#